data_5F1K
#
_entry.id   5F1K
#
_cell.length_a   88.552
_cell.length_b   96.242
_cell.length_c   133.777
_cell.angle_alpha   90.000
_cell.angle_beta   90.000
_cell.angle_gamma   90.000
#
_symmetry.space_group_name_H-M   'P 21 21 21'
#
loop_
_entity.id
_entity.type
_entity.pdbx_description
1 polymer 'ADP-ribosyl cyclase/cyclic ADP-ribose hydrolase 1'
2 polymer 'nanobody MU1053'
3 water water
#
loop_
_entity_poly.entity_id
_entity_poly.type
_entity_poly.pdbx_seq_one_letter_code
_entity_poly.pdbx_strand_id
1 'polypeptide(L)'
;RWRQTWSGPGTTKRFPETVLARCVKYTEIHPEMRHVDCQSVWDAFKGAFISKHPCDITEEDYQPLMKLGTQTVPCNKILL
WSRIKDLAHQFTQVQRDMFTLEDTLLGYLADDLTWCGEFDTSKINYQSCPDWRKDCSNNPVSVFWKTVSRRFAEAACDVV
HVMLDGSRSKIFDKDSTFGSVEVHNLQPEKVQTLEAWVIHGGREDSRDLCQDPTIKELESIISKRNIQFSCKNIYRPDKF
LQCVKNPEDSSCTSEI
;
A,B
2 'polypeptide(L)'
;DVQLQESGGGLVQAGGSLRLSCTGSGRTFRNYPMAWFRQAPGKEREFVAGITWVGASTLYADFAKGRFTISRDNAKNTVY
LQMNSLKPEDTAVYSCAAGRGIVAGRIPAEYADWGQGTQVTVSSEPKTPKPQPAAAHHHHHHGAAEQKLISEEDLNGAA
;
C,D
#
# COMPACT_ATOMS: atom_id res chain seq x y z
N THR A 5 -6.65 25.24 -36.17
CA THR A 5 -6.83 26.12 -34.96
C THR A 5 -8.08 25.73 -34.14
N TRP A 6 -7.86 25.48 -32.85
CA TRP A 6 -8.89 25.03 -31.90
C TRP A 6 -9.26 26.17 -30.93
N SER A 7 -10.36 25.98 -30.21
CA SER A 7 -10.89 26.97 -29.29
C SER A 7 -10.27 26.91 -27.90
N GLY A 8 -9.67 25.78 -27.54
CA GLY A 8 -9.09 25.60 -26.20
C GLY A 8 -7.65 26.07 -26.12
N PRO A 9 -7.14 26.27 -24.88
CA PRO A 9 -5.72 26.63 -24.70
C PRO A 9 -4.78 25.51 -25.17
N GLY A 10 -3.59 25.90 -25.62
CA GLY A 10 -2.64 24.95 -26.17
C GLY A 10 -1.93 24.13 -25.13
N THR A 11 -1.10 23.20 -25.59
CA THR A 11 -0.30 22.37 -24.70
C THR A 11 0.48 23.23 -23.70
N THR A 12 0.52 22.82 -22.44
CA THR A 12 1.26 23.55 -21.40
C THR A 12 2.73 23.67 -21.77
N LYS A 13 3.31 24.85 -21.56
CA LYS A 13 4.73 25.11 -21.84
C LYS A 13 5.58 24.06 -21.14
N ARG A 14 6.56 23.52 -21.86
CA ARG A 14 7.52 22.55 -21.28
C ARG A 14 6.87 21.28 -20.76
N PHE A 15 5.76 20.90 -21.40
CA PHE A 15 4.99 19.71 -21.07
C PHE A 15 5.81 18.42 -21.03
N PRO A 16 6.66 18.16 -22.05
CA PRO A 16 7.53 16.98 -21.99
C PRO A 16 8.43 16.91 -20.76
N GLU A 17 9.10 18.01 -20.42
CA GLU A 17 10.01 18.07 -19.27
C GLU A 17 9.23 18.02 -17.96
N THR A 18 8.06 18.66 -17.93
CA THR A 18 7.20 18.60 -16.74
C THR A 18 6.73 17.18 -16.44
N VAL A 19 6.26 16.48 -17.47
CA VAL A 19 5.75 15.13 -17.26
C VAL A 19 6.88 14.23 -16.81
N LEU A 20 8.02 14.33 -17.49
CA LEU A 20 9.19 13.55 -17.11
C LEU A 20 9.62 13.84 -15.68
N ALA A 21 9.67 15.12 -15.30
CA ALA A 21 10.10 15.51 -13.95
C ALA A 21 9.10 15.07 -12.86
N ARG A 22 7.82 15.05 -13.19
CA ARG A 22 6.81 14.55 -12.24
C ARG A 22 6.94 13.03 -12.06
N CYS A 23 7.23 12.33 -13.14
CA CYS A 23 7.43 10.91 -13.06
C CYS A 23 8.66 10.60 -12.20
N VAL A 24 9.79 11.25 -12.50
CA VAL A 24 11.04 11.11 -11.71
C VAL A 24 10.78 11.39 -10.23
N LYS A 25 10.07 12.48 -9.96
CA LYS A 25 9.74 12.89 -8.60
C LYS A 25 8.86 11.87 -7.86
N TYR A 26 7.79 11.44 -8.48
CA TYR A 26 6.89 10.46 -7.87
C TYR A 26 7.59 9.11 -7.65
N THR A 27 8.31 8.66 -8.67
CA THR A 27 8.86 7.30 -8.63
C THR A 27 10.03 7.15 -7.71
N GLU A 28 10.83 8.21 -7.58
CA GLU A 28 11.98 8.19 -6.68
C GLU A 28 11.55 8.29 -5.19
N ILE A 29 10.34 8.81 -4.91
CA ILE A 29 9.86 8.93 -3.51
C ILE A 29 8.77 7.94 -3.07
N HIS A 30 7.89 7.49 -3.98
CA HIS A 30 6.89 6.48 -3.63
C HIS A 30 7.45 5.11 -3.94
N PRO A 31 7.74 4.32 -2.89
CA PRO A 31 8.44 3.06 -3.09
C PRO A 31 7.67 2.02 -3.93
N GLU A 32 6.34 2.10 -3.93
CA GLU A 32 5.53 1.15 -4.70
C GLU A 32 5.73 1.28 -6.20
N MET A 33 6.20 2.44 -6.68
CA MET A 33 6.43 2.66 -8.10
C MET A 33 7.89 2.93 -8.46
N ARG A 34 8.83 2.51 -7.61
CA ARG A 34 10.26 2.73 -7.86
C ARG A 34 10.77 2.00 -9.10
N HIS A 35 10.15 0.88 -9.38
CA HIS A 35 10.45 0.04 -10.56
C HIS A 35 10.21 0.74 -11.92
N VAL A 36 9.42 1.80 -11.94
CA VAL A 36 8.98 2.41 -13.20
C VAL A 36 10.13 3.13 -13.91
N ASP A 37 10.19 2.93 -15.23
CA ASP A 37 11.17 3.60 -16.06
C ASP A 37 10.52 4.84 -16.66
N CYS A 38 10.88 6.01 -16.14
CA CYS A 38 10.22 7.24 -16.52
C CYS A 38 10.37 7.63 -17.99
N GLN A 39 11.46 7.23 -18.63
CA GLN A 39 11.61 7.46 -20.09
C GLN A 39 10.58 6.65 -20.88
N SER A 40 10.36 5.40 -20.47
CA SER A 40 9.33 4.57 -21.09
C SER A 40 7.95 5.17 -20.90
N VAL A 41 7.70 5.72 -19.71
CA VAL A 41 6.40 6.32 -19.41
C VAL A 41 6.13 7.48 -20.35
N TRP A 42 7.12 8.35 -20.51
CA TRP A 42 7.02 9.48 -21.41
C TRP A 42 6.80 9.01 -22.85
N ASP A 43 7.61 8.07 -23.32
CA ASP A 43 7.46 7.50 -24.68
C ASP A 43 6.05 6.95 -24.93
N ALA A 44 5.50 6.27 -23.92
CA ALA A 44 4.15 5.75 -24.02
C ALA A 44 3.07 6.84 -23.99
N PHE A 45 3.28 7.87 -23.18
CA PHE A 45 2.35 9.03 -23.08
C PHE A 45 2.34 9.75 -24.44
N LYS A 46 3.53 10.09 -24.91
CA LYS A 46 3.73 10.76 -26.17
C LYS A 46 3.11 9.96 -27.33
N GLY A 47 3.31 8.65 -27.32
CA GLY A 47 2.77 7.78 -28.37
C GLY A 47 1.24 7.72 -28.43
N ALA A 48 0.57 8.11 -27.35
CA ALA A 48 -0.89 8.14 -27.33
C ALA A 48 -1.51 9.19 -28.22
N PHE A 49 -0.84 10.34 -28.39
CA PHE A 49 -1.41 11.49 -29.12
C PHE A 49 -0.55 12.11 -30.24
N ILE A 50 0.73 11.80 -30.29
CA ILE A 50 1.62 12.35 -31.32
C ILE A 50 1.27 11.75 -32.67
N SER A 51 1.24 12.62 -33.68
CA SER A 51 0.98 12.23 -35.09
C SER A 51 -0.43 11.67 -35.27
N LYS A 52 -1.35 12.16 -34.44
CA LYS A 52 -2.71 11.71 -34.46
C LYS A 52 -3.62 12.90 -34.44
N HIS A 53 -4.74 12.80 -35.16
CA HIS A 53 -5.75 13.83 -35.17
C HIS A 53 -6.29 13.94 -33.76
N PRO A 54 -6.26 15.14 -33.16
CA PRO A 54 -6.68 15.28 -31.78
C PRO A 54 -8.19 15.30 -31.57
N CYS A 55 -8.97 14.86 -32.53
CA CYS A 55 -10.41 14.59 -32.31
C CYS A 55 -10.74 13.11 -32.45
N ASP A 56 -9.73 12.25 -32.66
CA ASP A 56 -9.94 10.82 -32.86
C ASP A 56 -9.11 9.97 -31.90
N ILE A 57 -8.86 10.48 -30.71
CA ILE A 57 -8.11 9.71 -29.71
C ILE A 57 -9.04 8.68 -29.09
N THR A 58 -8.52 7.47 -28.88
CA THR A 58 -9.27 6.39 -28.21
C THR A 58 -8.60 6.01 -26.90
N GLU A 59 -9.29 5.24 -26.08
CA GLU A 59 -8.70 4.70 -24.83
C GLU A 59 -7.55 3.74 -25.14
N GLU A 60 -7.67 2.99 -26.22
CA GLU A 60 -6.61 2.07 -26.67
C GLU A 60 -5.27 2.79 -26.91
N ASP A 61 -5.33 4.01 -27.45
CA ASP A 61 -4.14 4.89 -27.56
C ASP A 61 -3.37 5.04 -26.24
N TYR A 62 -4.10 5.05 -25.12
CA TYR A 62 -3.50 5.20 -23.80
C TYR A 62 -3.19 3.88 -23.12
N GLN A 63 -3.47 2.74 -23.76
CA GLN A 63 -3.30 1.46 -23.09
C GLN A 63 -1.83 1.18 -22.71
N PRO A 64 -0.86 1.46 -23.60
CA PRO A 64 0.53 1.22 -23.18
C PRO A 64 0.97 2.01 -21.95
N LEU A 65 0.52 3.26 -21.84
CA LEU A 65 0.73 4.07 -20.64
C LEU A 65 0.04 3.47 -19.40
N MET A 66 -1.24 3.11 -19.52
CA MET A 66 -1.97 2.47 -18.44
C MET A 66 -1.18 1.27 -17.94
N LYS A 67 -0.63 0.48 -18.86
CA LYS A 67 0.10 -0.73 -18.45
C LYS A 67 1.39 -0.42 -17.66
N LEU A 68 2.19 0.54 -18.13
CA LEU A 68 3.37 0.98 -17.39
C LEU A 68 3.01 1.58 -16.04
N GLY A 69 1.86 2.26 -15.98
CA GLY A 69 1.36 2.87 -14.76
C GLY A 69 0.61 1.98 -13.79
N THR A 70 0.63 0.67 -14.02
CA THR A 70 -0.07 -0.29 -13.18
C THR A 70 0.33 -0.11 -11.74
N GLN A 71 -0.66 -0.03 -10.88
CA GLN A 71 -0.45 0.31 -9.49
C GLN A 71 -1.56 -0.33 -8.65
N THR A 72 -1.20 -1.29 -7.81
CA THR A 72 -2.19 -2.07 -7.04
C THR A 72 -2.61 -1.35 -5.75
N VAL A 73 -3.53 -0.42 -5.90
CA VAL A 73 -3.99 0.42 -4.80
C VAL A 73 -5.04 -0.30 -3.92
N PRO A 74 -5.13 0.06 -2.64
CA PRO A 74 -6.20 -0.60 -1.86
C PRO A 74 -7.60 -0.16 -2.27
N CYS A 75 -8.35 -1.08 -2.87
CA CYS A 75 -9.68 -0.83 -3.41
C CYS A 75 -10.65 -0.16 -2.43
N ASN A 76 -10.51 -0.46 -1.14
CA ASN A 76 -11.50 -0.06 -0.12
C ASN A 76 -11.29 1.34 0.46
N LYS A 77 -10.25 2.03 0.04
CA LYS A 77 -9.88 3.32 0.60
C LYS A 77 -9.78 4.45 -0.43
N ILE A 78 -10.62 4.38 -1.45
CA ILE A 78 -10.64 5.37 -2.53
C ILE A 78 -11.53 6.56 -2.14
N LEU A 79 -10.99 7.77 -2.35
CA LEU A 79 -11.77 8.98 -2.24
C LEU A 79 -11.94 9.59 -3.63
N LEU A 80 -13.16 9.54 -4.14
CA LEU A 80 -13.52 10.30 -5.31
C LEU A 80 -13.85 11.74 -4.87
N TRP A 81 -13.89 12.68 -5.83
CA TRP A 81 -14.24 14.06 -5.53
C TRP A 81 -14.73 14.80 -6.77
N SER A 82 -15.44 15.92 -6.55
CA SER A 82 -15.95 16.70 -7.66
C SER A 82 -16.02 18.18 -7.34
N ARG A 83 -15.25 18.97 -8.09
CA ARG A 83 -15.15 20.45 -7.97
C ARG A 83 -14.77 20.94 -6.54
N ILE A 84 -13.90 20.18 -5.87
CA ILE A 84 -13.46 20.49 -4.52
C ILE A 84 -12.05 19.89 -4.33
N LYS A 85 -11.19 20.22 -5.29
CA LYS A 85 -9.90 19.56 -5.44
C LYS A 85 -8.99 19.72 -4.22
N ASP A 86 -8.84 20.97 -3.77
CA ASP A 86 -7.86 21.28 -2.75
C ASP A 86 -8.16 20.57 -1.45
N LEU A 87 -9.43 20.54 -1.03
CA LEU A 87 -9.79 19.90 0.22
C LEU A 87 -9.70 18.36 0.14
N ALA A 88 -10.10 17.80 -1.00
CA ALA A 88 -9.98 16.37 -1.25
C ALA A 88 -8.53 15.90 -1.12
N HIS A 89 -7.62 16.69 -1.66
CA HIS A 89 -6.19 16.40 -1.56
C HIS A 89 -5.58 16.64 -0.17
N GLN A 90 -5.98 17.72 0.49
CA GLN A 90 -5.63 17.90 1.89
C GLN A 90 -6.09 16.72 2.72
N PHE A 91 -7.28 16.19 2.42
CA PHE A 91 -7.80 15.10 3.18
C PHE A 91 -6.89 13.85 3.14
N THR A 92 -6.42 13.49 1.93
CA THR A 92 -5.56 12.33 1.79
C THR A 92 -4.15 12.57 2.31
N GLN A 93 -3.79 13.82 2.56
CA GLN A 93 -2.54 14.11 3.26
C GLN A 93 -2.66 13.89 4.75
N VAL A 94 -3.87 14.02 5.30
CA VAL A 94 -4.15 13.78 6.70
C VAL A 94 -4.45 12.30 6.94
N GLN A 95 -5.39 11.75 6.19
CA GLN A 95 -5.74 10.32 6.30
C GLN A 95 -4.97 9.58 5.23
N ARG A 96 -3.73 9.24 5.53
CA ARG A 96 -2.76 8.88 4.48
C ARG A 96 -2.93 7.48 3.85
N ASP A 97 -3.74 6.60 4.42
CA ASP A 97 -4.05 5.35 3.77
C ASP A 97 -5.14 5.47 2.67
N MET A 98 -5.78 6.63 2.58
CA MET A 98 -6.76 6.89 1.50
C MET A 98 -6.14 7.63 0.31
N PHE A 99 -6.71 7.46 -0.88
CA PHE A 99 -6.16 8.22 -2.00
CA PHE A 99 -6.15 7.92 -2.18
C PHE A 99 -7.19 8.63 -3.03
N THR A 100 -6.82 9.73 -3.69
CA THR A 100 -7.55 10.23 -4.85
C THR A 100 -6.82 9.74 -6.10
N LEU A 101 -7.49 9.88 -7.24
CA LEU A 101 -6.87 9.58 -8.53
C LEU A 101 -5.50 10.26 -8.69
N GLU A 102 -5.40 11.50 -8.23
CA GLU A 102 -4.21 12.30 -8.40
C GLU A 102 -3.09 11.95 -7.40
N ASP A 103 -3.40 11.10 -6.43
CA ASP A 103 -2.39 10.47 -5.58
C ASP A 103 -1.72 9.25 -6.23
N THR A 104 -2.30 8.73 -7.32
CA THR A 104 -1.67 7.64 -8.10
C THR A 104 -0.67 8.26 -9.10
N LEU A 105 0.27 7.46 -9.60
CA LEU A 105 1.27 7.95 -10.56
C LEU A 105 0.64 8.62 -11.76
N LEU A 106 -0.32 7.94 -12.40
CA LEU A 106 -0.90 8.41 -13.66
C LEU A 106 -1.69 9.69 -13.49
N GLY A 107 -2.46 9.78 -12.39
CA GLY A 107 -3.18 11.02 -12.08
C GLY A 107 -2.26 12.18 -11.76
N TYR A 108 -1.19 11.89 -11.04
CA TYR A 108 -0.20 12.89 -10.67
C TYR A 108 0.56 13.48 -11.89
N LEU A 109 0.87 12.63 -12.87
CA LEU A 109 1.55 13.09 -14.11
C LEU A 109 0.79 14.15 -14.87
N ALA A 110 -0.53 13.98 -14.95
CA ALA A 110 -1.35 14.76 -15.87
C ALA A 110 -2.11 15.93 -15.22
N ASP A 111 -2.12 16.00 -13.89
CA ASP A 111 -2.95 16.97 -13.15
C ASP A 111 -2.63 18.42 -13.56
N ASP A 112 -3.68 19.17 -13.88
CA ASP A 112 -3.64 20.56 -14.35
C ASP A 112 -2.94 20.80 -15.69
N LEU A 113 -2.63 19.76 -16.46
CA LEU A 113 -1.89 19.94 -17.72
C LEU A 113 -2.80 19.79 -18.92
N THR A 114 -2.34 20.31 -20.05
CA THR A 114 -3.06 20.28 -21.31
C THR A 114 -2.05 19.87 -22.35
N TRP A 115 -2.51 19.11 -23.34
CA TRP A 115 -1.65 18.59 -24.37
C TRP A 115 -2.48 18.17 -25.60
N CYS A 116 -1.90 18.36 -26.79
CA CYS A 116 -2.37 17.68 -28.00
C CYS A 116 -1.31 17.70 -29.11
N GLY A 117 -1.53 16.85 -30.11
CA GLY A 117 -0.70 16.81 -31.31
C GLY A 117 -1.46 17.22 -32.55
N GLU A 118 -0.90 16.86 -33.69
CA GLU A 118 -1.47 17.15 -35.01
C GLU A 118 -1.38 15.89 -35.87
N PHE A 119 -2.35 15.71 -36.77
CA PHE A 119 -2.46 14.50 -37.61
C PHE A 119 -1.31 14.39 -38.65
N ASP A 120 -0.81 15.53 -39.11
CA ASP A 120 0.20 15.56 -40.21
C ASP A 120 1.64 15.88 -39.76
N THR A 121 1.90 15.87 -38.45
CA THR A 121 3.25 16.17 -37.92
C THR A 121 3.54 15.33 -36.67
N SER A 122 4.81 15.33 -36.26
CA SER A 122 5.21 14.70 -35.00
C SER A 122 5.42 15.74 -33.90
N LYS A 123 4.84 16.93 -34.06
CA LYS A 123 5.04 18.04 -33.13
C LYS A 123 3.91 18.17 -32.14
N ILE A 124 4.24 18.75 -30.99
CA ILE A 124 3.27 19.06 -29.96
C ILE A 124 2.69 20.43 -30.32
N ASN A 125 1.37 20.57 -30.30
CA ASN A 125 0.71 21.84 -30.53
C ASN A 125 0.61 22.70 -29.26
N TYR A 126 1.53 23.67 -29.14
CA TYR A 126 1.49 24.67 -28.06
C TYR A 126 0.55 25.88 -28.31
N GLN A 127 -0.03 25.98 -29.50
CA GLN A 127 -0.87 27.12 -29.88
C GLN A 127 -2.28 26.95 -29.35
N SER A 128 -2.86 25.78 -29.65
CA SER A 128 -4.23 25.47 -29.25
C SER A 128 -4.51 23.96 -29.24
N CYS A 129 -5.52 23.57 -28.47
CA CYS A 129 -5.99 22.18 -28.40
C CYS A 129 -7.51 22.20 -28.35
N PRO A 130 -8.17 21.10 -28.77
CA PRO A 130 -9.63 21.07 -28.81
C PRO A 130 -10.32 21.33 -27.49
N ASP A 131 -11.37 22.16 -27.51
CA ASP A 131 -12.27 22.34 -26.39
C ASP A 131 -13.36 21.29 -26.55
N TRP A 132 -13.73 20.67 -25.43
CA TRP A 132 -14.57 19.48 -25.47
C TRP A 132 -16.03 19.79 -25.91
N ARG A 133 -16.54 20.98 -25.60
CA ARG A 133 -17.88 21.43 -26.05
C ARG A 133 -17.81 21.92 -27.49
N LYS A 134 -16.86 22.82 -27.75
CA LYS A 134 -16.84 23.61 -28.98
C LYS A 134 -16.21 22.88 -30.16
N ASP A 135 -15.27 21.97 -29.90
CA ASP A 135 -14.52 21.34 -30.98
C ASP A 135 -14.84 19.86 -31.09
N CYS A 136 -14.46 19.07 -30.08
CA CYS A 136 -14.69 17.62 -30.08
C CYS A 136 -14.42 17.01 -28.71
N SER A 137 -15.26 16.04 -28.34
CA SER A 137 -15.17 15.33 -27.07
C SER A 137 -13.92 14.46 -26.97
N ASN A 138 -13.50 13.85 -28.09
CA ASN A 138 -12.47 12.80 -28.07
C ASN A 138 -11.08 13.31 -28.36
N ASN A 139 -10.63 14.23 -27.51
CA ASN A 139 -9.31 14.84 -27.56
C ASN A 139 -8.34 14.23 -26.55
N PRO A 140 -7.03 14.44 -26.73
CA PRO A 140 -6.03 13.80 -25.87
C PRO A 140 -6.26 13.92 -24.35
N VAL A 141 -6.64 15.12 -23.91
CA VAL A 141 -6.86 15.39 -22.49
C VAL A 141 -8.14 14.70 -21.99
N SER A 142 -9.25 14.96 -22.66
CA SER A 142 -10.54 14.38 -22.23
C SER A 142 -10.52 12.86 -22.21
N VAL A 143 -9.91 12.26 -23.23
CA VAL A 143 -9.88 10.81 -23.35
C VAL A 143 -8.96 10.19 -22.29
N PHE A 144 -7.86 10.87 -21.95
CA PHE A 144 -6.98 10.41 -20.88
C PHE A 144 -7.77 10.31 -19.58
N TRP A 145 -8.38 11.42 -19.19
CA TRP A 145 -9.09 11.50 -17.91
C TRP A 145 -10.24 10.51 -17.86
N LYS A 146 -10.90 10.35 -18.99
CA LYS A 146 -11.99 9.39 -19.11
C LYS A 146 -11.46 7.97 -18.94
N THR A 147 -10.33 7.64 -19.56
CA THR A 147 -9.72 6.31 -19.39
C THR A 147 -9.27 6.02 -17.95
N VAL A 148 -8.49 6.92 -17.35
CA VAL A 148 -7.99 6.68 -15.99
C VAL A 148 -9.07 6.74 -14.93
N SER A 149 -10.04 7.62 -15.08
CA SER A 149 -11.15 7.71 -14.11
C SER A 149 -12.03 6.48 -14.10
N ARG A 150 -12.30 5.96 -15.29
CA ARG A 150 -13.08 4.74 -15.44
C ARG A 150 -12.40 3.57 -14.74
N ARG A 151 -11.11 3.42 -14.97
CA ARG A 151 -10.33 2.35 -14.38
C ARG A 151 -10.21 2.47 -12.86
N PHE A 152 -10.06 3.70 -12.39
CA PHE A 152 -9.99 3.97 -10.97
C PHE A 152 -11.30 3.60 -10.29
N ALA A 153 -12.41 4.02 -10.88
CA ALA A 153 -13.74 3.69 -10.37
C ALA A 153 -14.01 2.19 -10.41
N GLU A 154 -13.55 1.51 -11.46
CA GLU A 154 -13.67 0.04 -11.57
C GLU A 154 -12.85 -0.72 -10.53
N ALA A 155 -11.77 -0.10 -10.06
CA ALA A 155 -10.92 -0.70 -9.02
C ALA A 155 -11.57 -0.62 -7.65
N ALA A 156 -12.54 0.28 -7.47
CA ALA A 156 -13.08 0.55 -6.13
C ALA A 156 -13.87 -0.64 -5.61
N CYS A 157 -13.83 -0.82 -4.30
CA CYS A 157 -14.65 -1.81 -3.63
C CYS A 157 -15.14 -1.31 -2.26
N ASP A 158 -15.97 -2.13 -1.61
CA ASP A 158 -16.42 -1.97 -0.21
C ASP A 158 -17.17 -0.65 -0.04
N VAL A 159 -16.66 0.28 0.77
CA VAL A 159 -17.24 1.61 0.88
C VAL A 159 -16.35 2.55 0.09
N VAL A 160 -16.95 3.24 -0.87
CA VAL A 160 -16.25 4.25 -1.67
C VAL A 160 -16.79 5.60 -1.18
N HIS A 161 -15.90 6.56 -1.04
CA HIS A 161 -16.24 7.88 -0.54
C HIS A 161 -16.14 8.90 -1.68
N VAL A 162 -17.05 9.88 -1.68
CA VAL A 162 -16.93 11.02 -2.63
C VAL A 162 -17.10 12.35 -1.90
N MET A 163 -16.20 13.28 -2.16
CA MET A 163 -16.31 14.63 -1.64
C MET A 163 -16.96 15.52 -2.69
N LEU A 164 -17.99 16.26 -2.27
CA LEU A 164 -18.71 17.18 -3.17
C LEU A 164 -18.75 18.59 -2.58
N ASP A 165 -18.76 19.58 -3.48
CA ASP A 165 -18.80 21.00 -3.12
C ASP A 165 -20.25 21.43 -2.92
N GLY A 166 -20.64 21.59 -1.66
CA GLY A 166 -21.99 21.99 -1.30
C GLY A 166 -22.33 23.47 -1.45
N SER A 167 -21.32 24.31 -1.66
CA SER A 167 -21.52 25.74 -1.84
C SER A 167 -21.96 26.11 -3.27
N ARG A 168 -21.86 25.19 -4.23
CA ARG A 168 -22.17 25.54 -5.62
C ARG A 168 -23.54 25.05 -6.09
N SER A 169 -24.00 25.61 -7.20
CA SER A 169 -25.26 25.25 -7.82
C SER A 169 -24.93 23.98 -8.59
N LYS A 170 -25.67 22.91 -8.32
CA LYS A 170 -25.37 21.54 -8.77
C LYS A 170 -24.24 20.87 -7.94
N ILE A 171 -24.59 20.59 -6.70
CA ILE A 171 -23.71 19.89 -5.76
C ILE A 171 -23.18 18.60 -6.38
N PHE A 172 -24.08 17.84 -6.99
CA PHE A 172 -23.75 16.74 -7.88
C PHE A 172 -24.12 17.17 -9.29
N ASP A 173 -23.14 17.13 -10.19
CA ASP A 173 -23.34 17.51 -11.58
C ASP A 173 -23.18 16.25 -12.41
N LYS A 174 -24.27 15.80 -13.02
CA LYS A 174 -24.26 14.60 -13.85
C LYS A 174 -23.40 14.71 -15.12
N ASP A 175 -23.05 15.93 -15.52
CA ASP A 175 -22.17 16.18 -16.65
C ASP A 175 -20.68 16.29 -16.27
N SER A 176 -20.34 16.19 -14.97
CA SER A 176 -18.93 16.18 -14.53
C SER A 176 -18.33 14.81 -14.80
N THR A 177 -17.02 14.69 -14.65
CA THR A 177 -16.34 13.39 -14.78
C THR A 177 -16.88 12.37 -13.77
N PHE A 178 -17.14 12.81 -12.53
CA PHE A 178 -17.71 11.96 -11.50
C PHE A 178 -19.10 11.51 -11.90
N GLY A 179 -19.89 12.46 -12.37
CA GLY A 179 -21.30 12.22 -12.72
C GLY A 179 -21.53 11.40 -13.97
N SER A 180 -20.64 11.51 -14.96
CA SER A 180 -20.83 10.83 -16.25
C SER A 180 -19.96 9.58 -16.46
N VAL A 181 -18.83 9.47 -15.74
CA VAL A 181 -17.94 8.31 -15.91
C VAL A 181 -17.82 7.47 -14.62
N GLU A 182 -17.31 8.08 -13.56
CA GLU A 182 -16.96 7.37 -12.33
C GLU A 182 -18.15 6.65 -11.70
N VAL A 183 -19.25 7.36 -11.54
CA VAL A 183 -20.40 6.80 -10.82
C VAL A 183 -21.03 5.58 -11.55
N HIS A 184 -20.97 5.60 -12.88
CA HIS A 184 -21.46 4.50 -13.71
C HIS A 184 -20.47 3.34 -13.87
N ASN A 185 -19.29 3.44 -13.28
CA ASN A 185 -18.31 2.34 -13.30
C ASN A 185 -17.97 1.72 -11.94
N LEU A 186 -18.68 2.16 -10.91
CA LEU A 186 -18.64 1.48 -9.61
C LEU A 186 -19.35 0.14 -9.81
N GLN A 187 -18.60 -0.95 -9.65
CA GLN A 187 -19.13 -2.29 -9.88
C GLN A 187 -19.93 -2.73 -8.65
N PRO A 188 -21.20 -3.13 -8.83
CA PRO A 188 -21.97 -3.64 -7.68
C PRO A 188 -21.52 -4.98 -7.08
N GLU A 189 -20.78 -5.76 -7.86
CA GLU A 189 -20.19 -7.04 -7.38
C GLU A 189 -19.12 -6.84 -6.27
N LYS A 190 -18.68 -5.60 -6.02
CA LYS A 190 -17.67 -5.33 -5.02
C LYS A 190 -17.77 -4.00 -4.28
N VAL A 191 -18.41 -3.00 -4.87
CA VAL A 191 -18.78 -1.79 -4.12
C VAL A 191 -20.12 -2.06 -3.45
N GLN A 192 -20.19 -1.88 -2.14
CA GLN A 192 -21.43 -2.01 -1.38
C GLN A 192 -22.09 -0.66 -1.03
N THR A 193 -21.30 0.40 -0.86
CA THR A 193 -21.84 1.72 -0.45
C THR A 193 -21.02 2.87 -0.96
N LEU A 194 -21.69 3.89 -1.48
CA LEU A 194 -21.09 5.19 -1.77
C LEU A 194 -21.46 6.15 -0.63
N GLU A 195 -20.46 6.71 0.03
CA GLU A 195 -20.66 7.73 1.05
C GLU A 195 -20.27 9.13 0.53
N ALA A 196 -21.24 10.03 0.49
CA ALA A 196 -21.04 11.43 0.06
C ALA A 196 -20.78 12.36 1.24
N TRP A 197 -19.73 13.17 1.13
CA TRP A 197 -19.44 14.20 2.08
C TRP A 197 -19.68 15.54 1.38
N VAL A 198 -20.75 16.23 1.74
CA VAL A 198 -21.05 17.55 1.16
C VAL A 198 -20.36 18.62 2.02
N ILE A 199 -19.39 19.31 1.42
CA ILE A 199 -18.63 20.34 2.12
C ILE A 199 -19.34 21.71 2.00
N HIS A 200 -19.47 22.41 3.12
CA HIS A 200 -20.15 23.71 3.17
C HIS A 200 -19.19 24.89 3.04
N GLY A 201 -19.73 26.04 2.63
CA GLY A 201 -18.97 27.30 2.56
C GLY A 201 -19.50 28.37 3.51
N GLY A 202 -20.15 27.96 4.61
CA GLY A 202 -20.86 28.91 5.49
C GLY A 202 -21.72 29.96 4.77
N ARG A 207 -28.29 24.74 6.89
CA ARG A 207 -29.22 23.88 6.16
C ARG A 207 -28.71 22.45 5.85
N ASP A 208 -29.64 21.54 5.57
CA ASP A 208 -29.34 20.13 5.23
C ASP A 208 -29.21 19.91 3.72
N LEU A 209 -27.97 19.91 3.22
CA LEU A 209 -27.69 19.78 1.79
C LEU A 209 -27.84 18.37 1.24
N CYS A 210 -27.86 17.35 2.10
CA CYS A 210 -28.18 15.98 1.66
C CYS A 210 -29.60 15.82 1.13
N GLN A 211 -30.47 16.81 1.40
CA GLN A 211 -31.82 16.87 0.81
C GLN A 211 -31.87 17.50 -0.57
N ASP A 212 -30.79 18.19 -0.99
CA ASP A 212 -30.74 18.89 -2.29
C ASP A 212 -31.14 17.93 -3.43
N PRO A 213 -31.95 18.43 -4.41
CA PRO A 213 -32.39 17.59 -5.54
C PRO A 213 -31.27 16.80 -6.26
N THR A 214 -30.09 17.40 -6.41
CA THR A 214 -28.96 16.74 -7.07
C THR A 214 -28.37 15.57 -6.26
N ILE A 215 -28.46 15.61 -4.93
CA ILE A 215 -28.05 14.49 -4.08
C ILE A 215 -29.05 13.33 -4.20
N LYS A 216 -30.35 13.65 -4.32
CA LYS A 216 -31.38 12.63 -4.59
C LYS A 216 -31.21 11.98 -5.97
N GLU A 217 -30.72 12.76 -6.93
CA GLU A 217 -30.40 12.25 -8.26
C GLU A 217 -29.29 11.22 -8.15
N LEU A 218 -28.21 11.59 -7.45
CA LEU A 218 -27.09 10.71 -7.20
C LEU A 218 -27.50 9.43 -6.48
N GLU A 219 -28.33 9.59 -5.43
CA GLU A 219 -28.88 8.46 -4.68
C GLU A 219 -29.62 7.51 -5.61
N SER A 220 -30.44 8.09 -6.49
CA SER A 220 -31.22 7.32 -7.47
C SER A 220 -30.33 6.56 -8.47
N ILE A 221 -29.33 7.27 -9.03
CA ILE A 221 -28.36 6.64 -9.95
C ILE A 221 -27.68 5.45 -9.27
N ILE A 222 -27.29 5.63 -8.02
CA ILE A 222 -26.59 4.63 -7.21
C ILE A 222 -27.47 3.45 -6.83
N SER A 223 -28.71 3.73 -6.42
CA SER A 223 -29.68 2.68 -6.08
C SER A 223 -29.86 1.73 -7.23
N LYS A 224 -30.00 2.27 -8.43
CA LYS A 224 -30.27 1.46 -9.63
C LYS A 224 -29.13 0.50 -9.99
N ARG A 225 -27.93 0.82 -9.55
CA ARG A 225 -26.80 -0.08 -9.69
C ARG A 225 -26.70 -1.10 -8.53
N ASN A 226 -27.67 -1.10 -7.62
CA ASN A 226 -27.68 -2.03 -6.48
C ASN A 226 -26.55 -1.77 -5.48
N ILE A 227 -26.27 -0.48 -5.26
CA ILE A 227 -25.27 0.00 -4.32
C ILE A 227 -26.03 0.88 -3.33
N GLN A 228 -25.71 0.75 -2.05
CA GLN A 228 -26.28 1.59 -0.98
C GLN A 228 -25.74 3.02 -1.08
N PHE A 229 -26.43 3.97 -0.45
CA PHE A 229 -26.01 5.38 -0.44
C PHE A 229 -26.12 5.99 0.95
N SER A 230 -25.04 6.65 1.38
CA SER A 230 -25.03 7.48 2.58
C SER A 230 -24.60 8.89 2.18
N CYS A 231 -25.08 9.88 2.92
CA CYS A 231 -24.69 11.26 2.71
C CYS A 231 -24.46 11.92 4.06
N LYS A 232 -23.45 12.80 4.13
CA LYS A 232 -23.13 13.51 5.36
C LYS A 232 -22.82 14.99 5.08
N ASN A 233 -23.43 15.87 5.86
CA ASN A 233 -23.08 17.27 5.89
C ASN A 233 -21.78 17.50 6.64
N ILE A 234 -20.80 18.07 5.96
CA ILE A 234 -19.59 18.56 6.64
C ILE A 234 -19.72 20.09 6.74
N TYR A 235 -20.19 20.55 7.89
CA TYR A 235 -20.44 21.97 8.14
C TYR A 235 -19.16 22.77 8.34
N ARG A 236 -18.17 22.13 8.95
CA ARG A 236 -16.94 22.78 9.37
C ARG A 236 -15.73 21.97 8.90
N PRO A 237 -15.33 22.17 7.63
CA PRO A 237 -14.19 21.45 7.05
C PRO A 237 -12.93 21.46 7.94
N ASP A 238 -12.68 22.60 8.57
CA ASP A 238 -11.55 22.77 9.52
C ASP A 238 -11.61 21.77 10.71
N LYS A 239 -12.77 21.64 11.37
CA LYS A 239 -12.93 20.71 12.50
C LYS A 239 -12.88 19.27 12.01
N PHE A 240 -13.50 19.01 10.86
CA PHE A 240 -13.47 17.70 10.23
C PHE A 240 -12.03 17.20 10.02
N LEU A 241 -11.16 17.98 9.41
CA LEU A 241 -9.77 17.55 9.27
C LEU A 241 -9.10 17.30 10.63
N GLN A 242 -9.36 18.19 11.59
CA GLN A 242 -8.83 18.02 12.96
C GLN A 242 -9.26 16.74 13.61
N CYS A 243 -10.55 16.39 13.47
CA CYS A 243 -11.11 15.18 14.11
C CYS A 243 -10.69 13.87 13.42
N VAL A 244 -10.54 13.90 12.10
CA VAL A 244 -9.98 12.77 11.36
C VAL A 244 -8.54 12.48 11.82
N LYS A 245 -7.77 13.55 12.04
CA LYS A 245 -6.39 13.44 12.54
C LYS A 245 -6.31 12.92 13.97
N ASN A 246 -7.15 13.45 14.84
CA ASN A 246 -7.18 13.05 16.23
C ASN A 246 -8.65 12.88 16.69
N PRO A 247 -9.22 11.69 16.47
CA PRO A 247 -10.60 11.43 16.91
C PRO A 247 -10.82 11.38 18.44
N GLU A 248 -9.74 11.32 19.23
CA GLU A 248 -9.81 11.33 20.70
C GLU A 248 -10.23 12.68 21.29
N ASP A 249 -10.24 13.74 20.48
CA ASP A 249 -10.62 15.08 20.96
C ASP A 249 -12.11 15.12 21.41
N SER A 250 -12.37 15.70 22.59
CA SER A 250 -13.73 15.76 23.19
C SER A 250 -14.69 16.70 22.42
N SER A 251 -14.12 17.63 21.64
CA SER A 251 -14.88 18.48 20.69
C SER A 251 -15.59 17.72 19.56
N CYS A 252 -15.07 16.57 19.15
CA CYS A 252 -15.69 15.75 18.10
C CYS A 252 -16.78 14.85 18.69
N THR B 5 8.91 -42.69 -10.11
CA THR B 5 8.98 -42.54 -8.61
C THR B 5 10.18 -41.69 -8.17
N TRP B 6 9.86 -40.65 -7.38
CA TRP B 6 10.83 -39.68 -6.90
C TRP B 6 11.14 -39.88 -5.40
N SER B 7 12.19 -39.23 -4.93
CA SER B 7 12.65 -39.34 -3.54
C SER B 7 11.93 -38.38 -2.58
N GLY B 8 11.34 -37.31 -3.11
CA GLY B 8 10.67 -36.31 -2.28
C GLY B 8 9.21 -36.63 -1.98
N PRO B 9 8.63 -35.99 -0.96
CA PRO B 9 7.21 -36.21 -0.65
C PRO B 9 6.32 -35.73 -1.78
N GLY B 10 5.16 -36.35 -1.93
CA GLY B 10 4.24 -36.03 -3.01
C GLY B 10 3.46 -34.74 -2.79
N THR B 11 2.68 -34.37 -3.78
CA THR B 11 1.84 -33.20 -3.71
C THR B 11 1.00 -33.22 -2.43
N THR B 12 0.88 -32.08 -1.76
CA THR B 12 0.06 -31.97 -0.56
C THR B 12 -1.40 -32.35 -0.85
N LYS B 13 -2.00 -33.11 0.06
CA LYS B 13 -3.40 -33.52 -0.07
C LYS B 13 -4.29 -32.31 -0.25
N ARG B 14 -5.25 -32.41 -1.17
CA ARG B 14 -6.23 -31.35 -1.44
C ARG B 14 -5.56 -30.01 -1.87
N PHE B 15 -4.41 -30.13 -2.54
CA PHE B 15 -3.65 -28.98 -3.06
C PHE B 15 -4.48 -28.02 -3.94
N PRO B 16 -5.25 -28.53 -4.91
CA PRO B 16 -6.08 -27.63 -5.70
C PRO B 16 -7.08 -26.79 -4.90
N GLU B 17 -7.78 -27.42 -3.96
CA GLU B 17 -8.77 -26.72 -3.14
C GLU B 17 -8.06 -25.78 -2.17
N THR B 18 -6.90 -26.20 -1.64
CA THR B 18 -6.13 -25.35 -0.73
C THR B 18 -5.65 -24.08 -1.42
N VAL B 19 -5.11 -24.22 -2.63
CA VAL B 19 -4.60 -23.06 -3.35
C VAL B 19 -5.74 -22.12 -3.68
N LEU B 20 -6.82 -22.66 -4.20
CA LEU B 20 -8.00 -21.88 -4.50
C LEU B 20 -8.55 -21.16 -3.26
N ALA B 21 -8.66 -21.87 -2.13
CA ALA B 21 -9.17 -21.27 -0.89
C ALA B 21 -8.24 -20.20 -0.32
N ARG B 22 -6.93 -20.35 -0.50
CA ARG B 22 -5.98 -19.33 -0.06
C ARG B 22 -6.10 -18.08 -0.95
N CYS B 23 -6.31 -18.28 -2.24
CA CYS B 23 -6.48 -17.16 -3.15
C CYS B 23 -7.76 -16.39 -2.78
N VAL B 24 -8.87 -17.11 -2.64
CA VAL B 24 -10.17 -16.52 -2.22
C VAL B 24 -10.01 -15.72 -0.93
N LYS B 25 -9.34 -16.33 0.04
CA LYS B 25 -9.11 -15.75 1.36
C LYS B 25 -8.27 -14.49 1.29
N TYR B 26 -7.14 -14.55 0.59
CA TYR B 26 -6.25 -13.39 0.47
C TYR B 26 -6.92 -12.26 -0.32
N THR B 27 -7.57 -12.60 -1.42
CA THR B 27 -8.11 -11.58 -2.32
C THR B 27 -9.35 -10.90 -1.82
N GLU B 28 -10.16 -11.62 -1.06
CA GLU B 28 -11.37 -11.03 -0.45
C GLU B 28 -11.03 -10.12 0.77
N ILE B 29 -9.87 -10.32 1.38
CA ILE B 29 -9.45 -9.60 2.61
C ILE B 29 -8.43 -8.48 2.34
N HIS B 30 -7.50 -8.68 1.40
CA HIS B 30 -6.49 -7.66 1.08
C HIS B 30 -6.96 -6.84 -0.09
N PRO B 31 -7.34 -5.58 0.17
CA PRO B 31 -7.96 -4.79 -0.86
C PRO B 31 -7.09 -4.55 -2.11
N GLU B 32 -5.77 -4.58 -1.97
CA GLU B 32 -4.86 -4.34 -3.10
C GLU B 32 -4.96 -5.42 -4.16
N MET B 33 -5.44 -6.61 -3.79
CA MET B 33 -5.59 -7.70 -4.75
C MET B 33 -7.03 -8.18 -4.95
N ARG B 34 -8.00 -7.32 -4.64
CA ARG B 34 -9.41 -7.64 -4.82
C ARG B 34 -9.81 -7.91 -6.28
N HIS B 35 -9.13 -7.23 -7.20
CA HIS B 35 -9.32 -7.38 -8.65
C HIS B 35 -9.00 -8.79 -9.21
N VAL B 36 -8.26 -9.60 -8.46
CA VAL B 36 -7.79 -10.89 -8.95
C VAL B 36 -8.92 -11.91 -9.09
N ASP B 37 -8.91 -12.62 -10.21
CA ASP B 37 -9.86 -13.72 -10.43
C ASP B 37 -9.21 -15.04 -10.02
N CYS B 38 -9.63 -15.59 -8.89
CA CYS B 38 -8.95 -16.73 -8.32
C CYS B 38 -9.00 -18.00 -9.17
N GLN B 39 -10.06 -18.16 -9.96
CA GLN B 39 -10.13 -19.30 -10.88
C GLN B 39 -9.03 -19.19 -11.96
N SER B 40 -8.80 -17.98 -12.47
CA SER B 40 -7.73 -17.74 -13.43
C SER B 40 -6.37 -18.04 -12.80
N VAL B 41 -6.21 -17.70 -11.52
CA VAL B 41 -4.94 -17.90 -10.83
C VAL B 41 -4.63 -19.37 -10.75
N TRP B 42 -5.62 -20.15 -10.34
CA TRP B 42 -5.49 -21.60 -10.26
C TRP B 42 -5.19 -22.20 -11.63
N ASP B 43 -5.97 -21.83 -12.64
CA ASP B 43 -5.69 -22.30 -14.02
C ASP B 43 -4.25 -22.01 -14.47
N ALA B 44 -3.74 -20.82 -14.15
CA ALA B 44 -2.38 -20.44 -14.51
C ALA B 44 -1.33 -21.21 -13.70
N PHE B 45 -1.59 -21.45 -12.42
CA PHE B 45 -0.71 -22.22 -11.53
C PHE B 45 -0.63 -23.66 -12.07
N LYS B 46 -1.80 -24.25 -12.28
CA LYS B 46 -1.93 -25.60 -12.77
C LYS B 46 -1.23 -25.75 -14.13
N GLY B 47 -1.41 -24.76 -14.99
CA GLY B 47 -0.80 -24.80 -16.31
C GLY B 47 0.72 -24.77 -16.30
N ALA B 48 1.33 -24.33 -15.20
CA ALA B 48 2.78 -24.28 -15.10
C ALA B 48 3.43 -25.65 -15.04
N PHE B 49 2.75 -26.63 -14.45
CA PHE B 49 3.34 -27.97 -14.18
C PHE B 49 2.53 -29.20 -14.63
N ILE B 50 1.25 -29.03 -14.94
CA ILE B 50 0.41 -30.14 -15.39
C ILE B 50 0.83 -30.59 -16.78
N SER B 51 0.88 -31.91 -16.95
CA SER B 51 1.18 -32.55 -18.23
C SER B 51 2.61 -32.20 -18.68
N LYS B 52 3.50 -32.00 -17.70
CA LYS B 52 4.89 -31.67 -17.95
C LYS B 52 5.78 -32.53 -17.10
N HIS B 53 6.92 -32.92 -17.65
CA HIS B 53 7.92 -33.64 -16.90
C HIS B 53 8.41 -32.73 -15.76
N PRO B 54 8.35 -33.22 -14.52
CA PRO B 54 8.69 -32.37 -13.38
C PRO B 54 10.20 -32.18 -13.14
N CYS B 55 11.05 -32.49 -14.11
CA CYS B 55 12.46 -32.10 -14.06
C CYS B 55 12.83 -31.08 -15.15
N ASP B 56 11.84 -30.63 -15.94
CA ASP B 56 12.06 -29.68 -17.02
C ASP B 56 11.21 -28.42 -16.89
N ILE B 57 10.88 -28.04 -15.67
CA ILE B 57 10.09 -26.81 -15.46
C ILE B 57 11.02 -25.58 -15.62
N THR B 58 10.52 -24.54 -16.28
CA THR B 58 11.25 -23.28 -16.46
C THR B 58 10.50 -22.16 -15.76
N GLU B 59 11.16 -21.01 -15.62
CA GLU B 59 10.51 -19.80 -15.09
C GLU B 59 9.38 -19.35 -16.01
N GLU B 60 9.58 -19.50 -17.33
CA GLU B 60 8.57 -19.14 -18.31
C GLU B 60 7.23 -19.87 -18.10
N ASP B 61 7.29 -21.13 -17.70
CA ASP B 61 6.09 -21.90 -17.26
C ASP B 61 5.24 -21.16 -16.21
N TYR B 62 5.90 -20.41 -15.33
CA TYR B 62 5.22 -19.66 -14.29
C TYR B 62 4.91 -18.21 -14.67
N GLN B 63 5.23 -17.80 -15.89
CA GLN B 63 5.05 -16.40 -16.23
C GLN B 63 3.57 -15.98 -16.23
N PRO B 64 2.65 -16.84 -16.74
CA PRO B 64 1.25 -16.41 -16.68
C PRO B 64 0.74 -16.18 -15.26
N LEU B 65 1.15 -17.03 -14.31
CA LEU B 65 0.84 -16.84 -12.90
C LEU B 65 1.46 -15.55 -12.32
N MET B 66 2.75 -15.32 -12.60
CA MET B 66 3.42 -14.08 -12.18
C MET B 66 2.62 -12.87 -12.65
N LYS B 67 2.13 -12.90 -13.89
CA LYS B 67 1.37 -11.77 -14.40
C LYS B 67 0.08 -11.52 -13.63
N LEU B 68 -0.70 -12.58 -13.43
CA LEU B 68 -1.94 -12.45 -12.66
C LEU B 68 -1.67 -11.99 -11.24
N GLY B 69 -0.55 -12.44 -10.68
CA GLY B 69 -0.15 -12.07 -9.32
C GLY B 69 0.57 -10.74 -9.14
N THR B 70 0.61 -9.91 -10.17
CA THR B 70 1.30 -8.61 -10.12
C THR B 70 0.81 -7.80 -8.94
N GLN B 71 1.75 -7.29 -8.15
CA GLN B 71 1.46 -6.66 -6.88
C GLN B 71 2.54 -5.63 -6.54
N THR B 72 2.16 -4.35 -6.52
CA THR B 72 3.12 -3.25 -6.37
C THR B 72 3.40 -2.94 -4.90
N VAL B 73 4.33 -3.70 -4.33
CA VAL B 73 4.68 -3.60 -2.91
C VAL B 73 5.66 -2.44 -2.64
N PRO B 74 5.65 -1.89 -1.41
CA PRO B 74 6.65 -0.83 -1.15
C PRO B 74 8.08 -1.37 -1.10
N CYS B 75 8.87 -0.99 -2.10
CA CYS B 75 10.24 -1.48 -2.30
C CYS B 75 11.14 -1.32 -1.06
N ASN B 76 10.90 -0.28 -0.26
CA ASN B 76 11.80 0.08 0.84
C ASN B 76 11.55 -0.63 2.18
N LYS B 77 10.55 -1.51 2.23
CA LYS B 77 10.13 -2.15 3.46
C LYS B 77 10.08 -3.68 3.37
N ILE B 78 10.99 -4.25 2.59
CA ILE B 78 11.05 -5.69 2.39
C ILE B 78 11.90 -6.32 3.49
N LEU B 79 11.37 -7.40 4.06
CA LEU B 79 12.13 -8.24 4.97
C LEU B 79 12.39 -9.59 4.33
N LEU B 80 13.64 -9.82 3.98
CA LEU B 80 14.08 -11.13 3.56
C LEU B 80 14.39 -11.94 4.81
N TRP B 81 14.49 -13.26 4.66
CA TRP B 81 14.80 -14.12 5.78
C TRP B 81 15.39 -15.44 5.33
N SER B 82 16.07 -16.13 6.24
CA SER B 82 16.65 -17.43 5.93
C SER B 82 16.67 -18.38 7.13
N ARG B 83 15.93 -19.50 7.01
CA ARG B 83 15.82 -20.56 8.04
C ARG B 83 15.34 -20.05 9.42
N ILE B 84 14.43 -19.09 9.40
CA ILE B 84 13.89 -18.46 10.62
C ILE B 84 12.48 -17.92 10.28
N LYS B 85 11.70 -18.79 9.67
CA LYS B 85 10.43 -18.43 9.06
C LYS B 85 9.43 -17.85 10.05
N ASP B 86 9.24 -18.55 11.16
CA ASP B 86 8.19 -18.19 12.09
C ASP B 86 8.42 -16.79 12.66
N LEU B 87 9.64 -16.46 13.06
CA LEU B 87 9.91 -15.16 13.68
C LEU B 87 9.82 -14.02 12.65
N ALA B 88 10.31 -14.29 11.44
CA ALA B 88 10.21 -13.32 10.34
C ALA B 88 8.75 -12.94 10.06
N HIS B 89 7.86 -13.94 10.10
CA HIS B 89 6.42 -13.72 9.91
C HIS B 89 5.71 -13.08 11.05
N GLN B 90 6.05 -13.48 12.28
CA GLN B 90 5.61 -12.75 13.47
C GLN B 90 6.02 -11.29 13.37
N PHE B 91 7.23 -11.02 12.91
CA PHE B 91 7.71 -9.66 12.83
C PHE B 91 6.80 -8.79 11.95
N THR B 92 6.42 -9.32 10.77
CA THR B 92 5.58 -8.54 9.85
C THR B 92 4.11 -8.46 10.28
N GLN B 93 3.70 -9.28 11.24
CA GLN B 93 2.40 -9.12 11.89
C GLN B 93 2.40 -7.99 12.92
N VAL B 94 3.56 -7.69 13.51
CA VAL B 94 3.65 -6.53 14.42
C VAL B 94 4.01 -5.25 13.67
N GLN B 95 5.05 -5.29 12.83
CA GLN B 95 5.43 -4.11 12.04
C GLN B 95 4.76 -4.23 10.67
N ARG B 96 3.50 -3.81 10.60
CA ARG B 96 2.62 -4.24 9.49
C ARG B 96 2.88 -3.55 8.13
N ASP B 97 3.69 -2.50 8.09
CA ASP B 97 4.05 -1.91 6.81
C ASP B 97 5.21 -2.66 6.13
N MET B 98 5.84 -3.61 6.84
CA MET B 98 6.88 -4.44 6.23
C MET B 98 6.33 -5.79 5.73
N PHE B 99 6.99 -6.39 4.74
CA PHE B 99 6.51 -7.58 4.01
CA PHE B 99 6.52 -7.70 4.33
C PHE B 99 7.61 -8.63 3.88
N THR B 100 7.27 -9.91 4.05
CA THR B 100 8.06 -11.02 3.52
C THR B 100 7.40 -11.46 2.22
N LEU B 101 8.11 -12.28 1.48
CA LEU B 101 7.58 -12.90 0.26
C LEU B 101 6.24 -13.57 0.47
N GLU B 102 6.10 -14.21 1.62
CA GLU B 102 4.89 -14.95 1.96
C GLU B 102 3.72 -14.07 2.40
N ASP B 103 3.96 -12.79 2.60
CA ASP B 103 2.89 -11.81 2.81
C ASP B 103 2.29 -11.32 1.47
N THR B 104 2.96 -11.60 0.34
CA THR B 104 2.40 -11.27 -1.00
C THR B 104 1.47 -12.42 -1.43
N LEU B 105 0.57 -12.15 -2.38
CA LEU B 105 -0.40 -13.15 -2.83
C LEU B 105 0.28 -14.43 -3.27
N LEU B 106 1.28 -14.30 -4.14
CA LEU B 106 1.94 -15.46 -4.73
C LEU B 106 2.69 -16.30 -3.70
N GLY B 107 3.39 -15.64 -2.80
CA GLY B 107 4.08 -16.34 -1.71
C GLY B 107 3.13 -17.02 -0.75
N TYR B 108 2.00 -16.37 -0.48
CA TYR B 108 0.96 -16.91 0.41
C TYR B 108 0.29 -18.18 -0.16
N LEU B 109 0.04 -18.19 -1.47
CA LEU B 109 -0.58 -19.34 -2.13
C LEU B 109 0.23 -20.63 -1.94
N ALA B 110 1.56 -20.52 -2.04
CA ALA B 110 2.42 -21.66 -2.16
C ALA B 110 3.11 -22.07 -0.87
N ASP B 111 3.05 -21.24 0.17
CA ASP B 111 3.81 -21.47 1.40
C ASP B 111 3.51 -22.82 2.04
N ASP B 112 4.60 -23.55 2.35
CA ASP B 112 4.56 -24.92 2.93
C ASP B 112 3.91 -26.02 2.07
N LEU B 113 3.65 -25.75 0.79
CA LEU B 113 3.00 -26.74 -0.07
C LEU B 113 4.01 -27.39 -0.99
N THR B 114 3.61 -28.53 -1.52
CA THR B 114 4.41 -29.33 -2.44
C THR B 114 3.47 -29.74 -3.55
N TRP B 115 3.99 -29.80 -4.77
CA TRP B 115 3.19 -30.11 -5.92
C TRP B 115 4.09 -30.56 -7.07
N CYS B 116 3.59 -31.49 -7.88
CA CYS B 116 4.15 -31.77 -9.20
C CYS B 116 3.15 -32.56 -10.05
N GLY B 117 3.44 -32.59 -11.36
CA GLY B 117 2.67 -33.40 -12.31
C GLY B 117 3.49 -34.52 -12.93
N GLU B 118 2.99 -35.03 -14.04
CA GLU B 118 3.63 -36.10 -14.80
C GLU B 118 3.58 -35.74 -16.28
N PHE B 119 4.57 -36.20 -17.05
CA PHE B 119 4.64 -35.87 -18.48
C PHE B 119 3.53 -36.48 -19.33
N ASP B 120 3.09 -37.68 -18.96
CA ASP B 120 2.16 -38.46 -19.78
C ASP B 120 0.72 -38.46 -19.27
N THR B 121 0.39 -37.58 -18.32
CA THR B 121 -0.96 -37.47 -17.79
C THR B 121 -1.32 -36.02 -17.44
N SER B 122 -2.59 -35.77 -17.19
CA SER B 122 -3.06 -34.47 -16.70
C SER B 122 -3.35 -34.52 -15.22
N LYS B 123 -2.77 -35.50 -14.53
CA LYS B 123 -3.00 -35.69 -13.12
C LYS B 123 -1.90 -35.06 -12.25
N ILE B 124 -2.29 -34.74 -11.03
CA ILE B 124 -1.38 -34.30 -10.01
C ILE B 124 -0.80 -35.54 -9.33
N ASN B 125 0.53 -35.58 -9.16
CA ASN B 125 1.19 -36.69 -8.47
C ASN B 125 1.20 -36.49 -6.95
N TYR B 126 0.28 -37.19 -6.26
CA TYR B 126 0.23 -37.22 -4.79
C TYR B 126 1.17 -38.25 -4.13
N GLN B 127 1.83 -39.08 -4.93
CA GLN B 127 2.69 -40.17 -4.42
C GLN B 127 4.05 -39.63 -4.07
N SER B 128 4.67 -38.96 -5.04
CA SER B 128 6.03 -38.40 -4.88
C SER B 128 6.31 -37.24 -5.86
N CYS B 129 7.27 -36.40 -5.48
CA CYS B 129 7.75 -35.29 -6.31
C CYS B 129 9.27 -35.20 -6.17
N PRO B 130 9.96 -34.63 -7.20
CA PRO B 130 11.42 -34.63 -7.19
C PRO B 130 12.00 -33.94 -5.98
N ASP B 131 13.04 -34.55 -5.40
CA ASP B 131 13.88 -33.91 -4.39
C ASP B 131 14.99 -33.19 -5.14
N TRP B 132 15.30 -31.98 -4.69
CA TRP B 132 16.15 -31.07 -5.46
C TRP B 132 17.64 -31.50 -5.50
N ARG B 133 18.12 -32.19 -4.48
CA ARG B 133 19.48 -32.76 -4.45
C ARG B 133 19.59 -34.15 -5.05
N LYS B 134 18.57 -34.99 -4.86
CA LYS B 134 18.60 -36.39 -5.28
C LYS B 134 18.03 -36.69 -6.66
N ASP B 135 17.09 -35.85 -7.12
CA ASP B 135 16.40 -36.11 -8.38
C ASP B 135 16.72 -35.08 -9.44
N CYS B 136 16.29 -33.84 -9.22
CA CYS B 136 16.54 -32.74 -10.16
C CYS B 136 16.21 -31.38 -9.56
N SER B 137 17.04 -30.38 -9.88
CA SER B 137 16.90 -29.01 -9.40
C SER B 137 15.66 -28.34 -9.96
N ASN B 138 15.32 -28.64 -11.20
CA ASN B 138 14.30 -27.86 -11.93
C ASN B 138 12.90 -28.47 -11.91
N ASN B 139 12.41 -28.62 -10.68
CA ASN B 139 11.09 -29.16 -10.39
C ASN B 139 10.06 -28.07 -10.08
N PRO B 140 8.76 -28.41 -10.13
CA PRO B 140 7.72 -27.38 -9.98
C PRO B 140 7.86 -26.45 -8.77
N VAL B 141 8.22 -27.04 -7.62
CA VAL B 141 8.36 -26.29 -6.38
C VAL B 141 9.59 -25.41 -6.40
N SER B 142 10.75 -25.99 -6.68
CA SER B 142 12.02 -25.25 -6.69
C SER B 142 12.02 -24.08 -7.68
N VAL B 143 11.48 -24.33 -8.85
CA VAL B 143 11.46 -23.32 -9.90
C VAL B 143 10.48 -22.18 -9.56
N PHE B 144 9.37 -22.51 -8.91
CA PHE B 144 8.44 -21.50 -8.47
C PHE B 144 9.16 -20.54 -7.52
N TRP B 145 9.74 -21.11 -6.47
CA TRP B 145 10.37 -20.30 -5.41
C TRP B 145 11.53 -19.48 -5.95
N LYS B 146 12.28 -20.07 -6.87
CA LYS B 146 13.37 -19.39 -7.54
C LYS B 146 12.84 -18.21 -8.37
N THR B 147 11.77 -18.41 -9.13
CA THR B 147 11.17 -17.32 -9.91
C THR B 147 10.63 -16.16 -9.03
N VAL B 148 9.79 -16.47 -8.04
CA VAL B 148 9.19 -15.43 -7.20
C VAL B 148 10.21 -14.75 -6.29
N SER B 149 11.19 -15.47 -5.78
CA SER B 149 12.25 -14.88 -4.93
C SER B 149 13.13 -13.90 -5.67
N ARG B 150 13.48 -14.25 -6.90
CA ARG B 150 14.29 -13.40 -7.76
C ARG B 150 13.58 -12.08 -8.02
N ARG B 151 12.29 -12.18 -8.34
CA ARG B 151 11.48 -10.99 -8.64
C ARG B 151 11.27 -10.11 -7.41
N PHE B 152 11.09 -10.74 -6.27
CA PHE B 152 10.95 -10.04 -5.00
C PHE B 152 12.23 -9.26 -4.63
N ALA B 153 13.37 -9.93 -4.74
CA ALA B 153 14.65 -9.30 -4.51
C ALA B 153 14.93 -8.14 -5.50
N GLU B 154 14.55 -8.30 -6.77
CA GLU B 154 14.69 -7.26 -7.78
C GLU B 154 13.80 -6.05 -7.52
N ALA B 155 12.68 -6.26 -6.82
CA ALA B 155 11.78 -5.19 -6.44
C ALA B 155 12.33 -4.34 -5.28
N ALA B 156 13.28 -4.86 -4.52
CA ALA B 156 13.75 -4.18 -3.32
C ALA B 156 14.51 -2.91 -3.62
N CYS B 157 14.40 -1.94 -2.72
CA CYS B 157 15.18 -0.69 -2.81
C CYS B 157 15.56 -0.18 -1.42
N ASP B 158 16.37 0.89 -1.40
CA ASP B 158 16.73 1.66 -0.21
C ASP B 158 17.45 0.76 0.80
N VAL B 159 16.88 0.56 1.98
CA VAL B 159 17.44 -0.38 2.95
C VAL B 159 16.60 -1.64 2.90
N VAL B 160 17.29 -2.76 2.65
CA VAL B 160 16.67 -4.09 2.67
C VAL B 160 17.13 -4.73 3.93
N HIS B 161 16.21 -5.45 4.58
CA HIS B 161 16.50 -6.14 5.83
C HIS B 161 16.48 -7.64 5.58
N VAL B 162 17.37 -8.37 6.24
CA VAL B 162 17.32 -9.82 6.24
C VAL B 162 17.42 -10.38 7.66
N MET B 163 16.53 -11.31 8.00
CA MET B 163 16.59 -12.01 9.26
C MET B 163 17.32 -13.34 9.06
N LEU B 164 18.32 -13.61 9.90
CA LEU B 164 19.10 -14.84 9.85
C LEU B 164 19.05 -15.55 11.19
N ASP B 165 19.11 -16.89 11.13
CA ASP B 165 19.14 -17.76 12.32
C ASP B 165 20.59 -17.91 12.84
N GLY B 166 20.91 -17.21 13.92
CA GLY B 166 22.24 -17.24 14.54
C GLY B 166 22.57 -18.46 15.39
N SER B 167 21.55 -19.27 15.70
CA SER B 167 21.76 -20.48 16.48
C SER B 167 22.28 -21.66 15.65
N ARG B 168 22.24 -21.57 14.32
CA ARG B 168 22.63 -22.72 13.48
C ARG B 168 24.04 -22.60 12.91
N SER B 169 24.60 -23.73 12.47
CA SER B 169 26.03 -23.84 12.11
C SER B 169 26.50 -23.04 10.87
N LYS B 170 25.60 -22.72 9.94
CA LYS B 170 25.83 -21.77 8.85
C LYS B 170 24.83 -20.61 8.90
N ILE B 171 25.15 -19.56 9.66
CA ILE B 171 24.24 -18.43 9.87
C ILE B 171 23.75 -17.86 8.52
N PHE B 172 24.71 -17.62 7.63
CA PHE B 172 24.44 -17.34 6.23
C PHE B 172 24.88 -18.57 5.45
N ASP B 173 23.97 -19.14 4.68
CA ASP B 173 24.24 -20.32 3.89
C ASP B 173 24.14 -19.91 2.43
N LYS B 174 25.28 -19.93 1.73
CA LYS B 174 25.35 -19.50 0.32
C LYS B 174 24.53 -20.41 -0.62
N ASP B 175 24.20 -21.61 -0.14
CA ASP B 175 23.38 -22.56 -0.91
C ASP B 175 21.88 -22.45 -0.62
N SER B 176 21.48 -21.56 0.29
CA SER B 176 20.03 -21.32 0.54
C SER B 176 19.45 -20.43 -0.56
N THR B 177 18.13 -20.30 -0.56
CA THR B 177 17.46 -19.42 -1.54
C THR B 177 17.92 -17.97 -1.40
N PHE B 178 18.11 -17.51 -0.16
CA PHE B 178 18.65 -16.17 0.08
C PHE B 178 20.07 -16.04 -0.43
N GLY B 179 20.89 -17.04 -0.13
CA GLY B 179 22.30 -17.04 -0.48
C GLY B 179 22.63 -17.20 -1.95
N SER B 180 21.80 -17.95 -2.69
CA SER B 180 22.06 -18.26 -4.10
C SER B 180 21.21 -17.48 -5.10
N VAL B 181 20.04 -16.97 -4.67
CA VAL B 181 19.16 -16.21 -5.57
C VAL B 181 18.97 -14.74 -5.15
N GLU B 182 18.42 -14.55 -3.95
CA GLU B 182 17.99 -13.22 -3.49
C GLU B 182 19.13 -12.22 -3.41
N VAL B 183 20.23 -12.62 -2.79
CA VAL B 183 21.33 -11.68 -2.54
C VAL B 183 22.03 -11.21 -3.84
N HIS B 184 22.03 -12.07 -4.86
CA HIS B 184 22.57 -11.73 -6.17
C HIS B 184 21.59 -10.98 -7.08
N ASN B 185 20.37 -10.71 -6.62
CA ASN B 185 19.40 -9.93 -7.38
C ASN B 185 18.98 -8.60 -6.76
N LEU B 186 19.64 -8.24 -5.66
CA LEU B 186 19.53 -6.90 -5.10
C LEU B 186 20.23 -5.96 -6.07
N GLN B 187 19.47 -5.05 -6.69
CA GLN B 187 20.03 -4.15 -7.68
C GLN B 187 20.74 -2.99 -6.97
N PRO B 188 22.04 -2.73 -7.29
CA PRO B 188 22.74 -1.59 -6.70
C PRO B 188 22.23 -0.20 -7.11
N GLU B 189 21.54 -0.13 -8.25
CA GLU B 189 20.91 1.13 -8.73
C GLU B 189 19.78 1.65 -7.81
N LYS B 190 19.35 0.84 -6.85
CA LYS B 190 18.28 1.25 -5.96
C LYS B 190 18.33 0.68 -4.54
N VAL B 191 19.00 -0.45 -4.31
CA VAL B 191 19.32 -0.88 -2.95
C VAL B 191 20.63 -0.21 -2.54
N GLN B 192 20.61 0.51 -1.41
CA GLN B 192 21.81 1.11 -0.85
C GLN B 192 22.44 0.32 0.30
N THR B 193 21.64 -0.39 1.08
CA THR B 193 22.15 -1.10 2.27
C THR B 193 21.34 -2.35 2.57
N LEU B 194 22.03 -3.45 2.85
CA LEU B 194 21.43 -4.67 3.42
C LEU B 194 21.74 -4.67 4.92
N GLU B 195 20.68 -4.70 5.74
CA GLU B 195 20.79 -4.83 7.20
C GLU B 195 20.43 -6.25 7.68
N ALA B 196 21.40 -6.93 8.27
CA ALA B 196 21.22 -8.29 8.79
C ALA B 196 20.89 -8.27 10.28
N TRP B 197 19.83 -8.99 10.65
CA TRP B 197 19.47 -9.18 12.01
C TRP B 197 19.74 -10.64 12.33
N VAL B 198 20.80 -10.89 13.10
CA VAL B 198 21.13 -12.25 13.51
C VAL B 198 20.38 -12.57 14.81
N ILE B 199 19.47 -13.53 14.75
CA ILE B 199 18.66 -13.93 15.89
C ILE B 199 19.42 -15.00 16.71
N HIS B 200 19.47 -14.83 18.03
CA HIS B 200 20.15 -15.77 18.94
C HIS B 200 19.21 -16.85 19.47
N ARG B 207 27.91 -12.57 23.21
CA ARG B 207 28.77 -13.13 22.18
C ARG B 207 28.39 -12.55 20.80
N ASP B 208 29.37 -12.12 19.99
CA ASP B 208 29.12 -11.31 18.77
C ASP B 208 29.11 -12.12 17.45
N LEU B 209 27.91 -12.49 17.01
CA LEU B 209 27.72 -13.33 15.82
C LEU B 209 27.91 -12.59 14.49
N CYS B 210 27.88 -11.25 14.50
CA CYS B 210 28.23 -10.47 13.31
C CYS B 210 29.69 -10.65 12.87
N GLN B 211 30.52 -11.19 13.77
CA GLN B 211 31.91 -11.55 13.43
C GLN B 211 32.04 -12.93 12.77
N ASP B 212 30.98 -13.77 12.83
CA ASP B 212 31.04 -15.13 12.29
C ASP B 212 31.51 -15.12 10.82
N PRO B 213 32.36 -16.12 10.43
CA PRO B 213 32.89 -16.17 9.05
C PRO B 213 31.85 -16.07 7.94
N THR B 214 30.68 -16.67 8.13
CA THR B 214 29.59 -16.62 7.14
C THR B 214 28.96 -15.22 6.97
N ILE B 215 28.96 -14.41 8.03
CA ILE B 215 28.50 -13.01 7.93
C ILE B 215 29.52 -12.16 7.15
N LYS B 216 30.82 -12.42 7.35
CA LYS B 216 31.87 -11.78 6.55
C LYS B 216 31.80 -12.17 5.07
N GLU B 217 31.36 -13.40 4.79
CA GLU B 217 31.14 -13.86 3.43
C GLU B 217 30.01 -13.05 2.79
N LEU B 218 28.90 -12.93 3.51
CA LEU B 218 27.76 -12.14 3.08
C LEU B 218 28.17 -10.68 2.82
N GLU B 219 28.92 -10.11 3.77
CA GLU B 219 29.41 -8.74 3.67
C GLU B 219 30.22 -8.57 2.39
N SER B 220 31.10 -9.54 2.12
CA SER B 220 31.93 -9.56 0.91
C SER B 220 31.10 -9.65 -0.38
N ILE B 221 30.14 -10.57 -0.41
CA ILE B 221 29.22 -10.71 -1.56
C ILE B 221 28.53 -9.36 -1.84
N ILE B 222 28.08 -8.71 -0.77
CA ILE B 222 27.30 -7.47 -0.84
C ILE B 222 28.15 -6.27 -1.25
N SER B 223 29.36 -6.18 -0.68
CA SER B 223 30.31 -5.13 -1.05
C SER B 223 30.56 -5.13 -2.54
N LYS B 224 30.77 -6.32 -3.11
CA LYS B 224 31.14 -6.45 -4.53
C LYS B 224 30.05 -5.96 -5.47
N ARG B 225 28.81 -5.97 -4.99
CA ARG B 225 27.70 -5.41 -5.74
C ARG B 225 27.53 -3.90 -5.51
N ASN B 226 28.44 -3.26 -4.77
CA ASN B 226 28.38 -1.83 -4.46
C ASN B 226 27.17 -1.44 -3.57
N ILE B 227 26.88 -2.30 -2.61
CA ILE B 227 25.83 -2.13 -1.64
C ILE B 227 26.52 -2.12 -0.29
N GLN B 228 26.12 -1.22 0.61
CA GLN B 228 26.61 -1.18 1.99
C GLN B 228 26.05 -2.37 2.80
N PHE B 229 26.69 -2.67 3.94
CA PHE B 229 26.26 -3.75 4.80
C PHE B 229 26.26 -3.34 6.27
N SER B 230 25.15 -3.62 6.97
CA SER B 230 25.06 -3.49 8.42
C SER B 230 24.65 -4.82 8.98
N CYS B 231 25.08 -5.09 10.20
CA CYS B 231 24.70 -6.30 10.91
C CYS B 231 24.36 -5.96 12.34
N LYS B 232 23.35 -6.62 12.90
CA LYS B 232 22.94 -6.39 14.28
C LYS B 232 22.64 -7.71 14.99
N ASN B 233 23.19 -7.85 16.19
CA ASN B 233 22.84 -8.96 17.09
C ASN B 233 21.49 -8.72 17.73
N ILE B 234 20.55 -9.64 17.54
CA ILE B 234 19.31 -9.63 18.29
C ILE B 234 19.44 -10.72 19.36
N TYR B 235 19.81 -10.30 20.56
CA TYR B 235 20.05 -11.22 21.68
C TYR B 235 18.76 -11.78 22.27
N ARG B 236 17.72 -10.96 22.30
CA ARG B 236 16.47 -11.31 22.96
C ARG B 236 15.29 -11.06 22.00
N PRO B 237 14.98 -12.05 21.12
CA PRO B 237 13.88 -11.92 20.13
C PRO B 237 12.55 -11.47 20.74
N ASP B 238 12.25 -12.00 21.93
CA ASP B 238 11.04 -11.62 22.68
C ASP B 238 10.97 -10.12 22.98
N LYS B 239 12.06 -9.53 23.51
CA LYS B 239 12.06 -8.10 23.83
C LYS B 239 12.07 -7.28 22.54
N PHE B 240 12.81 -7.75 21.53
CA PHE B 240 12.85 -7.09 20.23
C PHE B 240 11.44 -6.92 19.64
N LEU B 241 10.64 -7.98 19.59
CA LEU B 241 9.25 -7.80 19.09
C LEU B 241 8.44 -6.83 19.95
N GLN B 242 8.60 -6.91 21.27
CA GLN B 242 7.94 -5.97 22.18
C GLN B 242 8.33 -4.52 21.94
N CYS B 243 9.62 -4.26 21.73
CA CYS B 243 10.12 -2.88 21.52
C CYS B 243 9.75 -2.31 20.14
N VAL B 244 9.71 -3.16 19.12
CA VAL B 244 9.23 -2.75 17.79
C VAL B 244 7.77 -2.33 17.85
N LYS B 245 6.98 -3.06 18.64
CA LYS B 245 5.56 -2.75 18.87
C LYS B 245 5.39 -1.44 19.65
N ASN B 246 6.14 -1.27 20.74
CA ASN B 246 6.05 -0.07 21.56
C ASN B 246 7.43 0.50 21.95
N PRO B 247 7.96 1.47 21.16
CA PRO B 247 9.20 2.17 21.48
C PRO B 247 8.97 3.58 22.08
N VAL C 2 -10.73 2.02 25.47
CA VAL C 2 -12.01 1.43 24.96
C VAL C 2 -12.20 0.02 25.51
N GLN C 3 -13.30 -0.22 26.22
CA GLN C 3 -13.65 -1.55 26.70
C GLN C 3 -14.94 -1.90 25.98
N LEU C 4 -15.00 -3.06 25.37
CA LEU C 4 -16.15 -3.48 24.58
C LEU C 4 -16.80 -4.72 25.20
N GLN C 5 -18.12 -4.76 25.19
CA GLN C 5 -18.87 -5.89 25.75
C GLN C 5 -20.03 -6.28 24.85
N GLU C 6 -20.03 -7.51 24.37
CA GLU C 6 -21.09 -8.05 23.51
C GLU C 6 -22.17 -8.75 24.35
N SER C 7 -23.41 -8.65 23.89
CA SER C 7 -24.53 -9.36 24.44
C SER C 7 -25.52 -9.66 23.32
N GLY C 8 -26.59 -10.37 23.65
CA GLY C 8 -27.66 -10.68 22.70
C GLY C 8 -27.55 -12.04 21.99
N GLY C 9 -26.43 -12.74 22.16
CA GLY C 9 -26.26 -14.06 21.60
C GLY C 9 -27.15 -15.06 22.31
N GLY C 10 -27.28 -16.23 21.72
CA GLY C 10 -28.13 -17.28 22.28
C GLY C 10 -28.32 -18.47 21.37
N LEU C 11 -29.24 -19.35 21.76
CA LEU C 11 -29.57 -20.59 21.04
C LEU C 11 -30.91 -20.40 20.32
N VAL C 12 -30.90 -20.65 19.01
CA VAL C 12 -32.08 -20.49 18.18
C VAL C 12 -32.16 -21.65 17.23
N GLN C 13 -33.34 -21.82 16.67
CA GLN C 13 -33.57 -22.81 15.62
C GLN C 13 -33.21 -22.21 14.26
N ALA C 14 -32.81 -23.07 13.32
CA ALA C 14 -32.62 -22.67 11.92
C ALA C 14 -33.82 -21.84 11.45
N GLY C 15 -33.54 -20.74 10.75
CA GLY C 15 -34.57 -19.77 10.37
C GLY C 15 -34.81 -18.65 11.36
N GLY C 16 -34.34 -18.79 12.60
CA GLY C 16 -34.57 -17.81 13.65
C GLY C 16 -33.74 -16.54 13.54
N SER C 17 -33.96 -15.62 14.48
CA SER C 17 -33.29 -14.32 14.51
C SER C 17 -32.65 -14.05 15.86
N LEU C 18 -31.60 -13.23 15.82
CA LEU C 18 -31.00 -12.63 16.99
C LEU C 18 -30.64 -11.17 16.72
N ARG C 19 -30.47 -10.40 17.80
CA ARG C 19 -29.92 -9.06 17.74
C ARG C 19 -28.76 -8.99 18.71
N LEU C 20 -27.56 -8.89 18.17
CA LEU C 20 -26.37 -8.71 18.97
C LEU C 20 -26.15 -7.23 19.18
N SER C 21 -25.65 -6.88 20.35
CA SER C 21 -25.26 -5.51 20.62
C SER C 21 -23.88 -5.52 21.25
N CYS C 22 -23.16 -4.43 21.03
CA CYS C 22 -21.82 -4.28 21.50
C CYS C 22 -21.77 -2.89 22.15
N THR C 23 -21.68 -2.89 23.47
CA THR C 23 -21.79 -1.67 24.26
C THR C 23 -20.41 -1.30 24.71
N GLY C 24 -20.06 -0.03 24.54
CA GLY C 24 -18.76 0.50 24.91
C GLY C 24 -18.80 1.19 26.26
N SER C 25 -17.96 0.72 27.20
CA SER C 25 -17.73 1.42 28.49
C SER C 25 -16.42 2.17 28.37
N GLY C 26 -16.14 3.03 29.33
CA GLY C 26 -14.96 3.88 29.23
C GLY C 26 -15.09 4.82 28.03
N ARG C 27 -14.00 5.01 27.29
CA ARG C 27 -13.90 5.94 26.15
C ARG C 27 -14.99 5.71 25.09
N THR C 28 -15.53 6.80 24.54
CA THR C 28 -16.44 6.72 23.40
C THR C 28 -15.75 6.15 22.16
N PHE C 29 -16.50 5.43 21.33
CA PHE C 29 -16.01 5.01 20.01
C PHE C 29 -16.73 5.67 18.84
N ARG C 30 -17.45 6.78 19.08
CA ARG C 30 -18.22 7.45 18.03
C ARG C 30 -17.42 7.89 16.80
N ASN C 31 -16.11 8.04 16.94
CA ASN C 31 -15.23 8.37 15.82
C ASN C 31 -14.30 7.26 15.36
N TYR C 32 -14.66 6.03 15.68
CA TYR C 32 -13.96 4.87 15.18
C TYR C 32 -14.85 4.06 14.27
N PRO C 33 -14.27 3.51 13.19
CA PRO C 33 -14.98 2.45 12.47
C PRO C 33 -15.09 1.19 13.33
N MET C 34 -16.21 0.49 13.19
CA MET C 34 -16.50 -0.68 14.02
C MET C 34 -16.83 -1.84 13.11
N ALA C 35 -16.49 -3.04 13.58
CA ALA C 35 -16.83 -4.25 12.84
C ALA C 35 -17.28 -5.38 13.78
N TRP C 36 -18.08 -6.29 13.21
CA TRP C 36 -18.38 -7.57 13.83
C TRP C 36 -17.60 -8.65 13.11
N PHE C 37 -16.95 -9.49 13.90
CA PHE C 37 -16.24 -10.67 13.41
C PHE C 37 -16.86 -11.90 14.06
N ARG C 38 -16.58 -13.07 13.50
CA ARG C 38 -17.02 -14.31 14.10
C ARG C 38 -15.94 -15.35 14.01
N GLN C 39 -15.99 -16.28 14.94
CA GLN C 39 -15.01 -17.35 15.04
C GLN C 39 -15.67 -18.67 15.50
N ALA C 40 -15.72 -19.62 14.57
CA ALA C 40 -16.25 -20.95 14.85
C ALA C 40 -15.16 -21.78 15.57
N PRO C 41 -15.55 -22.80 16.39
CA PRO C 41 -14.64 -23.57 17.27
C PRO C 41 -13.18 -23.81 16.83
N GLY C 42 -12.95 -24.40 15.67
CA GLY C 42 -11.59 -24.72 15.21
C GLY C 42 -11.02 -23.87 14.09
N LYS C 43 -11.54 -22.65 13.91
CA LYS C 43 -11.24 -21.82 12.72
C LYS C 43 -10.69 -20.44 13.09
N GLU C 44 -10.34 -19.66 12.07
CA GLU C 44 -9.84 -18.29 12.22
C GLU C 44 -10.99 -17.32 12.26
N ARG C 45 -10.82 -16.15 12.88
CA ARG C 45 -11.84 -15.09 12.85
C ARG C 45 -12.12 -14.67 11.42
N GLU C 46 -13.39 -14.41 11.11
CA GLU C 46 -13.76 -13.93 9.80
C GLU C 46 -14.68 -12.73 9.90
N PHE C 47 -14.48 -11.80 8.98
CA PHE C 47 -15.25 -10.58 8.88
C PHE C 47 -16.73 -10.89 8.65
N VAL C 48 -17.60 -10.23 9.43
CA VAL C 48 -19.03 -10.35 9.24
C VAL C 48 -19.59 -9.05 8.67
N ALA C 49 -19.35 -7.94 9.37
CA ALA C 49 -19.85 -6.66 8.92
C ALA C 49 -19.07 -5.52 9.54
N GLY C 50 -19.11 -4.37 8.85
CA GLY C 50 -18.35 -3.20 9.22
C GLY C 50 -19.20 -1.97 9.02
N ILE C 51 -18.86 -0.91 9.75
CA ILE C 51 -19.58 0.37 9.67
C ILE C 51 -18.61 1.52 9.92
N THR C 52 -18.70 2.56 9.10
CA THR C 52 -17.86 3.75 9.24
C THR C 52 -18.41 4.67 10.32
N TRP C 53 -17.67 5.73 10.63
CA TRP C 53 -18.09 6.69 11.65
C TRP C 53 -18.52 8.08 11.16
N VAL C 54 -18.01 8.52 10.01
CA VAL C 54 -18.40 9.83 9.50
C VAL C 54 -19.87 9.75 9.11
N GLY C 55 -20.19 8.91 8.13
CA GLY C 55 -21.55 8.75 7.63
C GLY C 55 -22.23 7.42 7.96
N ALA C 56 -21.57 6.58 8.73
CA ALA C 56 -22.16 5.29 9.17
C ALA C 56 -22.54 4.37 7.99
N SER C 57 -21.66 4.33 6.99
CA SER C 57 -21.84 3.46 5.83
C SER C 57 -21.51 2.03 6.20
N THR C 58 -22.24 1.08 5.64
CA THR C 58 -22.16 -0.33 6.03
C THR C 58 -21.50 -1.19 4.96
N LEU C 59 -21.07 -2.36 5.42
CA LEU C 59 -20.28 -3.27 4.60
C LEU C 59 -20.48 -4.67 5.16
N TYR C 60 -20.71 -5.63 4.28
CA TYR C 60 -21.02 -7.00 4.69
C TYR C 60 -20.18 -8.04 3.97
N ALA C 61 -19.84 -9.08 4.69
CA ALA C 61 -19.36 -10.35 4.09
C ALA C 61 -20.42 -10.93 3.16
N ASP C 62 -19.98 -11.61 2.10
CA ASP C 62 -20.91 -12.23 1.15
C ASP C 62 -21.97 -13.11 1.83
N PHE C 63 -21.58 -13.87 2.86
CA PHE C 63 -22.56 -14.71 3.59
C PHE C 63 -23.60 -13.89 4.41
N ALA C 64 -23.29 -12.63 4.71
CA ALA C 64 -24.13 -11.76 5.54
C ALA C 64 -25.12 -10.90 4.76
N LYS C 65 -24.83 -10.61 3.49
CA LYS C 65 -25.68 -9.72 2.68
C LYS C 65 -27.12 -10.20 2.69
N GLY C 66 -28.05 -9.27 2.86
CA GLY C 66 -29.49 -9.57 2.86
C GLY C 66 -30.06 -10.26 4.08
N ARG C 67 -29.19 -10.69 5.00
CA ARG C 67 -29.60 -11.35 6.22
C ARG C 67 -29.25 -10.54 7.44
N PHE C 68 -28.04 -9.98 7.48
CA PHE C 68 -27.57 -9.25 8.64
C PHE C 68 -27.55 -7.76 8.37
N THR C 69 -27.77 -6.99 9.42
CA THR C 69 -27.72 -5.54 9.35
C THR C 69 -26.89 -5.01 10.51
N ILE C 70 -25.85 -4.26 10.18
CA ILE C 70 -25.04 -3.58 11.18
C ILE C 70 -25.54 -2.13 11.29
N SER C 71 -25.53 -1.60 12.51
CA SER C 71 -25.93 -0.22 12.75
C SER C 71 -25.26 0.26 14.01
N ARG C 72 -25.26 1.56 14.24
CA ARG C 72 -24.69 2.10 15.45
C ARG C 72 -25.50 3.26 15.96
N ASP C 73 -25.36 3.52 17.26
CA ASP C 73 -26.03 4.63 17.92
C ASP C 73 -24.99 5.29 18.80
N ASN C 74 -24.56 6.47 18.40
CA ASN C 74 -23.43 7.13 19.04
C ASN C 74 -23.75 7.54 20.47
N ALA C 75 -24.95 8.05 20.69
CA ALA C 75 -25.42 8.44 22.03
C ALA C 75 -25.29 7.28 23.02
N LYS C 76 -25.82 6.12 22.65
CA LYS C 76 -25.75 4.91 23.49
C LYS C 76 -24.37 4.23 23.49
N ASN C 77 -23.46 4.65 22.62
CA ASN C 77 -22.15 4.00 22.47
C ASN C 77 -22.31 2.48 22.24
N THR C 78 -23.18 2.12 21.29
CA THR C 78 -23.42 0.70 20.96
C THR C 78 -23.51 0.46 19.44
N VAL C 79 -23.00 -0.71 19.04
CA VAL C 79 -23.08 -1.21 17.68
C VAL C 79 -23.99 -2.41 17.73
N TYR C 80 -24.84 -2.54 16.72
CA TYR C 80 -25.81 -3.60 16.68
C TYR C 80 -25.60 -4.50 15.48
N LEU C 81 -25.89 -5.80 15.65
CA LEU C 81 -25.97 -6.70 14.51
C LEU C 81 -27.30 -7.42 14.57
N GLN C 82 -28.21 -7.04 13.67
CA GLN C 82 -29.46 -7.75 13.49
C GLN C 82 -29.15 -8.95 12.59
N MET C 83 -29.43 -10.16 13.06
CA MET C 83 -29.22 -11.39 12.28
C MET C 83 -30.53 -12.11 12.00
N ASN C 84 -30.96 -12.13 10.74
CA ASN C 84 -32.15 -12.89 10.32
C ASN C 84 -31.78 -14.14 9.55
N SER C 85 -32.75 -15.06 9.44
CA SER C 85 -32.60 -16.28 8.64
C SER C 85 -31.32 -17.03 8.98
N LEU C 86 -31.10 -17.28 10.27
CA LEU C 86 -29.86 -17.91 10.72
C LEU C 86 -29.83 -19.36 10.31
N LYS C 87 -28.63 -19.88 10.12
CA LYS C 87 -28.42 -21.27 9.68
C LYS C 87 -27.44 -21.89 10.63
N PRO C 88 -27.35 -23.23 10.65
CA PRO C 88 -26.35 -23.88 11.51
C PRO C 88 -24.93 -23.38 11.31
N GLU C 89 -24.53 -23.17 10.06
CA GLU C 89 -23.19 -22.69 9.76
C GLU C 89 -22.92 -21.23 10.18
N ASP C 90 -23.93 -20.51 10.69
CA ASP C 90 -23.73 -19.26 11.41
C ASP C 90 -23.27 -19.44 12.86
N THR C 91 -23.11 -20.67 13.33
CA THR C 91 -22.75 -20.95 14.72
C THR C 91 -21.31 -20.54 14.97
N ALA C 92 -21.11 -19.68 15.95
CA ALA C 92 -19.78 -19.12 16.27
C ALA C 92 -19.86 -18.16 17.44
N VAL C 93 -18.68 -17.75 17.91
CA VAL C 93 -18.53 -16.63 18.84
C VAL C 93 -18.42 -15.35 18.00
N TYR C 94 -19.33 -14.42 18.24
CA TYR C 94 -19.34 -13.15 17.53
C TYR C 94 -18.75 -12.08 18.43
N SER C 95 -17.77 -11.33 17.91
CA SER C 95 -17.05 -10.27 18.66
C SER C 95 -17.13 -8.96 17.90
N CYS C 96 -17.20 -7.84 18.61
CA CYS C 96 -17.08 -6.56 17.98
C CYS C 96 -15.67 -6.02 18.18
N ALA C 97 -15.23 -5.21 17.24
CA ALA C 97 -13.94 -4.57 17.27
C ALA C 97 -14.03 -3.12 16.85
N ALA C 98 -13.17 -2.29 17.45
CA ALA C 98 -13.04 -0.90 17.08
C ALA C 98 -11.73 -0.72 16.37
N GLY C 99 -11.78 -0.07 15.21
CA GLY C 99 -10.59 0.20 14.43
C GLY C 99 -10.19 1.67 14.52
N ARG C 100 -9.34 2.08 13.57
CA ARG C 100 -8.84 3.44 13.46
C ARG C 100 -8.91 3.92 12.02
N GLY C 101 -8.68 5.20 11.81
CA GLY C 101 -8.84 5.80 10.48
C GLY C 101 -10.31 5.91 10.12
N ILE C 102 -10.59 5.86 8.82
CA ILE C 102 -11.91 6.15 8.26
C ILE C 102 -12.75 4.91 7.93
N VAL C 103 -12.14 3.92 7.27
CA VAL C 103 -12.88 2.75 6.77
C VAL C 103 -12.87 1.55 7.71
N ALA C 104 -13.86 0.67 7.55
CA ALA C 104 -13.89 -0.62 8.27
C ALA C 104 -13.33 -1.70 7.37
N GLY C 105 -12.10 -2.13 7.63
CA GLY C 105 -11.43 -3.17 6.84
C GLY C 105 -11.83 -4.56 7.31
N ARG C 106 -11.45 -5.57 6.54
CA ARG C 106 -11.87 -6.92 6.81
C ARG C 106 -10.82 -7.76 7.54
N ILE C 107 -9.72 -7.14 7.96
CA ILE C 107 -8.57 -7.87 8.53
C ILE C 107 -8.60 -7.67 10.03
N PRO C 108 -8.75 -8.76 10.79
CA PRO C 108 -8.88 -8.65 12.24
C PRO C 108 -7.69 -7.96 12.91
N ALA C 109 -6.49 -8.36 12.52
CA ALA C 109 -5.26 -7.81 13.12
C ALA C 109 -5.04 -6.27 12.97
N GLU C 110 -5.84 -5.60 12.12
CA GLU C 110 -5.82 -4.14 12.01
C GLU C 110 -6.77 -3.42 12.97
N TYR C 111 -7.54 -4.18 13.74
CA TYR C 111 -8.43 -3.61 14.76
C TYR C 111 -7.71 -3.60 16.10
N ALA C 112 -7.81 -2.47 16.79
CA ALA C 112 -7.08 -2.23 18.03
C ALA C 112 -7.80 -2.84 19.26
N ASP C 113 -9.11 -2.64 19.36
CA ASP C 113 -9.87 -2.94 20.58
C ASP C 113 -10.92 -4.01 20.27
N TRP C 114 -11.06 -4.96 21.19
CA TRP C 114 -11.90 -6.14 21.00
C TRP C 114 -12.71 -6.42 22.27
N GLY C 115 -13.95 -6.91 22.08
CA GLY C 115 -14.70 -7.49 23.17
C GLY C 115 -14.38 -8.97 23.32
N GLN C 116 -15.01 -9.60 24.30
CA GLN C 116 -14.84 -11.04 24.62
C GLN C 116 -15.66 -11.95 23.71
N GLY C 117 -16.78 -11.42 23.23
CA GLY C 117 -17.61 -12.10 22.26
C GLY C 117 -18.84 -12.68 22.91
N THR C 118 -19.81 -13.02 22.08
CA THR C 118 -21.08 -13.59 22.53
C THR C 118 -21.36 -14.82 21.66
N GLN C 119 -21.78 -15.91 22.32
CA GLN C 119 -22.02 -17.19 21.63
C GLN C 119 -23.33 -17.14 20.83
N VAL C 120 -23.26 -17.62 19.60
CA VAL C 120 -24.40 -17.79 18.73
C VAL C 120 -24.43 -19.26 18.32
N THR C 121 -25.52 -19.96 18.63
CA THR C 121 -25.67 -21.37 18.29
C THR C 121 -26.98 -21.53 17.54
N VAL C 122 -26.90 -22.10 16.34
CA VAL C 122 -28.10 -22.35 15.55
C VAL C 122 -28.26 -23.87 15.38
N SER C 123 -29.33 -24.42 15.93
CA SER C 123 -29.58 -25.86 15.82
C SER C 123 -30.21 -26.15 14.47
N SER C 124 -30.09 -27.40 14.02
CA SER C 124 -30.63 -27.82 12.74
C SER C 124 -31.95 -28.53 12.96
N VAL D 2 9.20 14.52 21.74
CA VAL D 2 10.53 14.72 21.04
C VAL D 2 10.65 16.16 20.56
N GLN D 3 11.69 16.85 21.02
CA GLN D 3 11.99 18.22 20.57
C GLN D 3 13.32 18.11 19.88
N LEU D 4 13.39 18.61 18.67
CA LEU D 4 14.61 18.51 17.87
C LEU D 4 15.18 19.89 17.59
N GLN D 5 16.50 20.00 17.61
CA GLN D 5 17.19 21.26 17.40
C GLN D 5 18.41 21.06 16.53
N GLU D 6 18.43 21.71 15.36
CA GLU D 6 19.55 21.66 14.44
C GLU D 6 20.54 22.79 14.71
N SER D 7 21.81 22.50 14.46
CA SER D 7 22.87 23.49 14.48
C SER D 7 23.94 23.09 13.47
N GLY D 8 24.96 23.93 13.33
CA GLY D 8 26.08 23.65 12.46
C GLY D 8 26.00 24.27 11.08
N GLY D 9 24.86 24.87 10.74
CA GLY D 9 24.70 25.52 9.43
C GLY D 9 25.50 26.80 9.37
N GLY D 10 25.61 27.36 8.18
CA GLY D 10 26.39 28.58 7.98
C GLY D 10 26.61 28.94 6.53
N LEU D 11 27.49 29.91 6.30
CA LEU D 11 27.86 30.37 4.96
C LEU D 11 29.22 29.80 4.61
N VAL D 12 29.31 29.16 3.45
CA VAL D 12 30.57 28.61 2.96
C VAL D 12 30.71 28.87 1.48
N GLN D 13 31.95 28.75 1.01
CA GLN D 13 32.25 28.90 -0.40
C GLN D 13 32.01 27.57 -1.09
N ALA D 14 31.69 27.61 -2.38
CA ALA D 14 31.63 26.41 -3.21
C ALA D 14 32.89 25.56 -2.96
N GLY D 15 32.68 24.25 -2.82
CA GLY D 15 33.76 23.34 -2.49
C GLY D 15 33.94 23.11 -1.00
N GLY D 16 33.35 23.97 -0.16
CA GLY D 16 33.54 23.89 1.30
C GLY D 16 32.75 22.77 1.98
N SER D 17 32.93 22.66 3.29
CA SER D 17 32.28 21.65 4.12
C SER D 17 31.52 22.25 5.29
N LEU D 18 30.50 21.51 5.73
CA LEU D 18 29.82 21.77 7.01
C LEU D 18 29.53 20.43 7.70
N ARG D 19 29.32 20.51 9.01
CA ARG D 19 28.81 19.39 9.79
C ARG D 19 27.58 19.86 10.52
N LEU D 20 26.42 19.35 10.13
CA LEU D 20 25.18 19.64 10.82
C LEU D 20 24.98 18.60 11.89
N SER D 21 24.39 19.04 13.00
CA SER D 21 24.00 18.13 14.06
C SER D 21 22.58 18.44 14.45
N CYS D 22 21.91 17.41 14.93
CA CYS D 22 20.52 17.51 15.32
C CYS D 22 20.44 16.86 16.68
N THR D 23 20.26 17.68 17.71
CA THR D 23 20.32 17.25 19.10
C THR D 23 18.89 17.15 19.59
N GLY D 24 18.57 16.04 20.24
CA GLY D 24 17.24 15.79 20.77
C GLY D 24 17.16 16.10 22.26
N SER D 25 16.27 17.01 22.62
CA SER D 25 15.97 17.34 24.00
C SER D 25 14.65 16.62 24.34
N GLY D 26 14.31 16.54 25.62
CA GLY D 26 13.16 15.73 26.05
C GLY D 26 13.42 14.27 25.74
N ARG D 27 12.39 13.56 25.30
CA ARG D 27 12.55 12.10 25.17
C ARG D 27 13.57 11.66 24.11
N THR D 28 14.14 10.48 24.36
CA THR D 28 15.12 9.88 23.47
C THR D 28 14.50 9.50 22.13
N PHE D 29 15.31 9.58 21.06
CA PHE D 29 14.92 9.05 19.76
C PHE D 29 15.73 7.84 19.31
N ARG D 30 16.41 7.17 20.25
CA ARG D 30 17.26 6.02 19.90
C ARG D 30 16.55 4.84 19.21
N ASN D 31 15.23 4.74 19.33
CA ASN D 31 14.46 3.72 18.63
C ASN D 31 13.55 4.27 17.53
N TYR D 32 13.90 5.44 17.01
CA TYR D 32 13.25 5.99 15.84
C TYR D 32 14.21 6.11 14.66
N PRO D 33 13.72 5.85 13.44
CA PRO D 33 14.47 6.21 12.28
C PRO D 33 14.50 7.74 12.15
N MET D 34 15.63 8.24 11.69
CA MET D 34 15.87 9.69 11.59
C MET D 34 16.27 10.03 10.16
N ALA D 35 15.89 11.23 9.74
CA ALA D 35 16.25 11.72 8.41
C ALA D 35 16.62 13.18 8.43
N TRP D 36 17.43 13.57 7.46
CA TRP D 36 17.67 14.96 7.14
C TRP D 36 16.95 15.30 5.86
N PHE D 37 16.23 16.42 5.90
CA PHE D 37 15.54 16.96 4.74
C PHE D 37 16.10 18.36 4.48
N ARG D 38 15.85 18.89 3.30
CA ARG D 38 16.19 20.27 3.00
C ARG D 38 15.09 20.95 2.20
N GLN D 39 15.04 22.27 2.34
CA GLN D 39 14.04 23.09 1.67
C GLN D 39 14.63 24.40 1.18
N ALA D 40 14.74 24.50 -0.15
CA ALA D 40 15.22 25.70 -0.81
C ALA D 40 14.08 26.70 -0.98
N PRO D 41 14.42 27.98 -1.27
CA PRO D 41 13.39 29.00 -1.46
C PRO D 41 12.36 28.61 -2.52
N GLY D 42 11.10 28.58 -2.13
CA GLY D 42 9.99 28.31 -3.04
C GLY D 42 9.91 26.90 -3.57
N LYS D 43 10.51 25.92 -2.87
CA LYS D 43 10.37 24.49 -3.22
C LYS D 43 9.82 23.69 -2.05
N GLU D 44 9.47 22.42 -2.32
CA GLU D 44 9.03 21.50 -1.29
C GLU D 44 10.26 20.93 -0.63
N ARG D 45 10.07 20.46 0.59
CA ARG D 45 11.11 19.74 1.29
C ARG D 45 11.51 18.51 0.48
N GLU D 46 12.80 18.19 0.49
CA GLU D 46 13.27 17.02 -0.22
C GLU D 46 14.20 16.22 0.66
N PHE D 47 14.09 14.91 0.53
CA PHE D 47 14.91 13.96 1.25
C PHE D 47 16.40 14.16 0.97
N VAL D 48 17.21 14.19 2.02
CA VAL D 48 18.66 14.25 1.89
C VAL D 48 19.29 12.92 2.31
N ALA D 49 19.01 12.49 3.52
CA ALA D 49 19.56 11.25 4.04
C ALA D 49 18.73 10.70 5.19
N GLY D 50 18.82 9.39 5.35
CA GLY D 50 18.05 8.67 6.36
C GLY D 50 18.91 7.62 7.03
N ILE D 51 18.53 7.26 8.26
CA ILE D 51 19.27 6.28 9.08
C ILE D 51 18.29 5.50 9.95
N THR D 52 18.41 4.17 9.95
CA THR D 52 17.59 3.30 10.76
C THR D 52 18.06 3.28 12.22
N TRP D 53 17.30 2.62 13.10
CA TRP D 53 17.66 2.57 14.52
C TRP D 53 18.13 1.22 15.01
N VAL D 54 17.69 0.12 14.38
CA VAL D 54 18.11 -1.21 14.84
C VAL D 54 19.60 -1.32 14.57
N GLY D 55 19.98 -1.28 13.30
CA GLY D 55 21.39 -1.40 12.90
C GLY D 55 22.06 -0.12 12.40
N ALA D 56 21.34 1.00 12.41
CA ALA D 56 21.90 2.29 11.95
C ALA D 56 22.38 2.26 10.48
N SER D 57 21.59 1.61 9.63
CA SER D 57 21.86 1.57 8.19
C SER D 57 21.49 2.92 7.58
N THR D 58 22.27 3.34 6.58
CA THR D 58 22.15 4.67 5.98
C THR D 58 21.57 4.62 4.58
N LEU D 59 21.11 5.78 4.15
CA LEU D 59 20.38 5.94 2.91
C LEU D 59 20.51 7.37 2.44
N TYR D 60 20.83 7.58 1.16
CA TYR D 60 21.08 8.92 0.62
C TYR D 60 20.30 9.19 -0.65
N ALA D 61 19.87 10.45 -0.78
CA ALA D 61 19.43 11.01 -2.07
C ALA D 61 20.55 10.93 -3.09
N ASP D 62 20.21 10.78 -4.36
CA ASP D 62 21.21 10.72 -5.44
C ASP D 62 22.20 11.92 -5.40
N PHE D 63 21.71 13.13 -5.10
CA PHE D 63 22.57 14.29 -5.03
C PHE D 63 23.53 14.27 -3.81
N ALA D 64 23.21 13.45 -2.80
CA ALA D 64 24.01 13.33 -1.58
C ALA D 64 25.09 12.23 -1.58
N LYS D 65 24.90 11.17 -2.38
CA LYS D 65 25.83 10.03 -2.38
C LYS D 65 27.28 10.50 -2.60
N GLY D 66 28.20 9.95 -1.81
CA GLY D 66 29.62 10.26 -1.91
C GLY D 66 30.07 11.62 -1.39
N ARG D 67 29.13 12.50 -1.05
CA ARG D 67 29.44 13.83 -0.55
C ARG D 67 28.98 13.95 0.88
N PHE D 68 27.78 13.46 1.20
CA PHE D 68 27.22 13.58 2.54
C PHE D 68 27.25 12.26 3.30
N THR D 69 27.40 12.36 4.62
CA THR D 69 27.39 11.18 5.49
C THR D 69 26.49 11.44 6.68
N ILE D 70 25.50 10.57 6.86
CA ILE D 70 24.62 10.63 8.01
C ILE D 70 25.13 9.61 9.05
N SER D 71 25.05 9.98 10.32
CA SER D 71 25.40 9.07 11.40
C SER D 71 24.62 9.46 12.63
N ARG D 72 24.58 8.58 13.62
CA ARG D 72 23.92 8.89 14.88
C ARG D 72 24.70 8.37 16.08
N ASP D 73 24.46 8.99 17.22
CA ASP D 73 25.07 8.60 18.48
C ASP D 73 23.93 8.59 19.46
N ASN D 74 23.53 7.40 19.88
CA ASN D 74 22.36 7.23 20.74
C ASN D 74 22.56 7.83 22.13
N ALA D 75 23.75 7.63 22.70
CA ALA D 75 24.09 8.18 24.02
C ALA D 75 23.88 9.70 24.05
N LYS D 76 24.44 10.39 23.07
CA LYS D 76 24.29 11.86 22.96
C LYS D 76 22.93 12.33 22.41
N ASN D 77 22.10 11.40 21.96
CA ASN D 77 20.82 11.74 21.35
C ASN D 77 21.00 12.75 20.20
N THR D 78 21.93 12.45 19.28
CA THR D 78 22.26 13.36 18.18
C THR D 78 22.40 12.61 16.85
N VAL D 79 21.92 13.24 15.78
CA VAL D 79 22.12 12.78 14.40
C VAL D 79 23.01 13.80 13.72
N TYR D 80 23.97 13.32 12.93
CA TYR D 80 24.92 14.18 12.28
C TYR D 80 24.78 14.10 10.76
N LEU D 81 25.02 15.23 10.08
CA LEU D 81 25.18 15.21 8.62
C LEU D 81 26.50 15.91 8.27
N GLN D 82 27.48 15.11 7.88
CA GLN D 82 28.73 15.65 7.32
C GLN D 82 28.45 15.97 5.86
N MET D 83 28.65 17.23 5.46
CA MET D 83 28.48 17.66 4.06
C MET D 83 29.80 18.14 3.45
N ASN D 84 30.35 17.40 2.50
CA ASN D 84 31.54 17.82 1.75
C ASN D 84 31.20 18.27 0.34
N SER D 85 32.13 18.98 -0.29
CA SER D 85 32.03 19.40 -1.68
C SER D 85 30.71 20.10 -1.96
N LEU D 86 30.37 21.07 -1.12
CA LEU D 86 29.09 21.76 -1.24
C LEU D 86 29.06 22.63 -2.49
N LYS D 87 27.87 22.82 -3.05
CA LYS D 87 27.67 23.60 -4.27
C LYS D 87 26.60 24.63 -4.00
N PRO D 88 26.47 25.66 -4.86
CA PRO D 88 25.41 26.68 -4.66
C PRO D 88 24.02 26.08 -4.58
N GLU D 89 23.74 25.09 -5.42
CA GLU D 89 22.43 24.42 -5.38
C GLU D 89 22.18 23.56 -4.13
N ASP D 90 23.17 23.42 -3.24
CA ASP D 90 22.94 22.87 -1.90
C ASP D 90 22.37 23.88 -0.91
N THR D 91 22.15 25.13 -1.36
CA THR D 91 21.65 26.20 -0.50
C THR D 91 20.20 25.90 -0.12
N ALA D 92 19.95 25.82 1.18
CA ALA D 92 18.61 25.51 1.70
C ALA D 92 18.61 25.55 3.23
N VAL D 93 17.39 25.45 3.80
CA VAL D 93 17.20 25.16 5.22
C VAL D 93 17.20 23.64 5.38
N TYR D 94 18.11 23.13 6.21
CA TYR D 94 18.21 21.71 6.48
C TYR D 94 17.57 21.41 7.83
N SER D 95 16.67 20.44 7.84
CA SER D 95 15.93 20.03 9.04
C SER D 95 16.12 18.56 9.31
N CYS D 96 16.15 18.15 10.57
CA CYS D 96 16.06 16.72 10.89
C CYS D 96 14.64 16.38 11.33
N ALA D 97 14.28 15.12 11.10
CA ALA D 97 12.99 14.59 11.43
C ALA D 97 13.14 13.23 12.05
N ALA D 98 12.26 12.92 12.99
CA ALA D 98 12.16 11.60 13.59
C ALA D 98 10.90 10.95 13.08
N GLY D 99 11.05 9.72 12.59
CA GLY D 99 9.93 8.94 12.10
C GLY D 99 9.52 7.86 13.07
N ARG D 100 8.73 6.90 12.57
CA ARG D 100 8.25 5.75 13.32
C ARG D 100 8.44 4.47 12.52
N GLY D 101 8.22 3.33 13.16
CA GLY D 101 8.48 2.06 12.54
C GLY D 101 9.97 1.83 12.40
N ILE D 102 10.34 1.05 11.39
CA ILE D 102 11.71 0.56 11.22
C ILE D 102 12.57 1.38 10.24
N VAL D 103 12.02 1.70 9.08
CA VAL D 103 12.81 2.29 7.98
C VAL D 103 12.72 3.79 7.94
N ALA D 104 13.74 4.42 7.34
CA ALA D 104 13.72 5.85 7.04
C ALA D 104 13.23 6.04 5.61
N GLY D 105 11.95 6.44 5.46
CA GLY D 105 11.34 6.71 4.16
C GLY D 105 11.71 8.09 3.65
N ARG D 106 11.36 8.38 2.39
CA ARG D 106 11.75 9.63 1.75
C ARG D 106 10.63 10.67 1.69
N ILE D 107 9.51 10.39 2.35
CA ILE D 107 8.33 11.26 2.27
C ILE D 107 8.24 12.07 3.56
N PRO D 108 8.30 13.42 3.47
CA PRO D 108 8.31 14.26 4.67
C PRO D 108 7.08 14.10 5.54
N ALA D 109 5.91 14.09 4.92
CA ALA D 109 4.64 13.97 5.64
C ALA D 109 4.45 12.68 6.48
N GLU D 110 5.32 11.68 6.30
CA GLU D 110 5.33 10.47 7.15
C GLU D 110 6.20 10.57 8.39
N TYR D 111 6.90 11.69 8.56
CA TYR D 111 7.68 11.93 9.76
C TYR D 111 6.87 12.74 10.77
N ALA D 112 6.93 12.31 12.03
CA ALA D 112 6.11 12.89 13.09
C ALA D 112 6.70 14.18 13.68
N ASP D 113 8.01 14.17 13.95
CA ASP D 113 8.68 15.21 14.73
C ASP D 113 9.72 15.90 13.90
N TRP D 114 9.76 17.22 14.00
CA TRP D 114 10.61 18.06 13.16
C TRP D 114 11.32 19.14 13.99
N GLY D 115 12.55 19.45 13.63
CA GLY D 115 13.24 20.61 14.14
C GLY D 115 12.90 21.82 13.28
N GLN D 116 13.42 22.97 13.69
CA GLN D 116 13.15 24.25 13.04
C GLN D 116 14.02 24.42 11.79
N GLY D 117 15.20 23.80 11.83
CA GLY D 117 16.10 23.79 10.70
C GLY D 117 17.24 24.75 10.89
N THR D 118 18.28 24.56 10.09
CA THR D 118 19.49 25.39 10.15
C THR D 118 19.82 25.81 8.72
N GLN D 119 20.13 27.09 8.53
CA GLN D 119 20.40 27.65 7.20
C GLN D 119 21.78 27.21 6.68
N VAL D 120 21.80 26.77 5.42
CA VAL D 120 23.03 26.42 4.71
C VAL D 120 23.03 27.28 3.46
N THR D 121 24.06 28.10 3.32
CA THR D 121 24.21 28.99 2.15
C THR D 121 25.58 28.72 1.53
N VAL D 122 25.60 28.41 0.24
CA VAL D 122 26.84 28.17 -0.47
C VAL D 122 26.98 29.24 -1.55
N SER D 123 27.98 30.09 -1.42
CA SER D 123 28.21 31.14 -2.40
C SER D 123 28.93 30.54 -3.61
N SER D 124 28.82 31.21 -4.74
CA SER D 124 29.48 30.77 -5.97
C SER D 124 30.76 31.55 -6.19
#